data_7Y5P
#
_entry.id   7Y5P
#
_cell.length_a   92.998
_cell.length_b   127.292
_cell.length_c   139.019
_cell.angle_alpha   90.000
_cell.angle_beta   90.000
_cell.angle_gamma   90.000
#
_symmetry.space_group_name_H-M   'I 2 2 2'
#
loop_
_entity.id
_entity.type
_entity.pdbx_description
1 polymer CmnC
2 non-polymer 'FE (III) ION'
3 non-polymer '2-OXOGLUTARIC ACID'
4 non-polymer ARGININE
5 water water
#
_entity_poly.entity_id   1
_entity_poly.type   'polypeptide(L)'
_entity_poly.pdbx_seq_one_letter_code
;MGSSHHHHHHSSGLVPRGSHMTAIREIRLSEPESAQAALLALECAQRYAEPDSADFLADAAVLAHDLPRAVRREVERARL
DDRLHALVVRGNDVDQDALGPTPPHWRQARTAASRRYGFLLVLYASLLGDVVGWATQQDGRVVTDVLPIEGQEDSLVSSS
SSVELGWHTEDAFSPYRADYVGLFSLRNPDSVATTVAGLDPDLVGPAVVDVLFGERFHIRPDNSHLPTHNSGGRLSDYFA
GIVEAVENPRAVSILRGHRDAPQLCVDSDFTTAVDGDAEAAGALDTLIKHLGGALYEVVLGPGDVAFLDNRNVVHGRRPF
RARFDGTDRWLKRINVTADLRKSRAARRDAQARVLGEA
;
_entity_poly.pdbx_strand_id   A,B
#
# COMPACT_ATOMS: atom_id res chain seq x y z
N MET A 21 -9.95 -11.38 20.45
CA MET A 21 -9.62 -12.84 20.56
C MET A 21 -8.58 -13.23 19.49
N THR A 22 -8.63 -12.58 18.32
CA THR A 22 -7.76 -12.89 17.13
C THR A 22 -6.67 -11.83 16.96
N ALA A 23 -6.27 -11.11 18.03
CA ALA A 23 -5.21 -10.09 17.97
C ALA A 23 -3.89 -10.78 17.61
N ILE A 24 -3.64 -11.98 18.14
CA ILE A 24 -2.50 -12.84 17.73
C ILE A 24 -3.06 -13.95 16.84
N ARG A 25 -2.73 -13.92 15.55
CA ARG A 25 -3.11 -14.95 14.57
C ARG A 25 -1.91 -15.87 14.38
N GLU A 26 -2.06 -17.15 14.70
CA GLU A 26 -0.96 -18.12 14.57
C GLU A 26 -1.33 -19.21 13.55
N ILE A 27 -0.37 -19.54 12.69
CA ILE A 27 -0.42 -20.76 11.85
C ILE A 27 0.83 -21.57 12.17
N ARG A 28 0.65 -22.82 12.58
CA ARG A 28 1.78 -23.76 12.74
C ARG A 28 1.90 -24.53 11.42
N LEU A 29 3.05 -24.42 10.77
CA LEU A 29 3.31 -25.14 9.50
C LEU A 29 3.29 -26.64 9.76
N SER A 30 2.60 -27.40 8.90
CA SER A 30 2.79 -28.86 8.79
C SER A 30 4.21 -29.12 8.25
N GLU A 31 4.73 -30.33 8.41
CA GLU A 31 6.07 -30.72 7.87
C GLU A 31 6.10 -30.43 6.36
N PRO A 32 5.11 -30.88 5.55
CA PRO A 32 5.08 -30.52 4.13
C PRO A 32 5.12 -29.00 3.85
N GLU A 33 4.34 -28.20 4.60
CA GLU A 33 4.28 -26.73 4.36
C GLU A 33 5.64 -26.13 4.70
N SER A 34 6.25 -26.56 5.81
CA SER A 34 7.61 -26.11 6.22
C SER A 34 8.61 -26.42 5.11
N ALA A 35 8.55 -27.64 4.57
CA ALA A 35 9.47 -28.12 3.52
C ALA A 35 9.27 -27.31 2.23
N GLN A 36 8.01 -27.03 1.86
CA GLN A 36 7.66 -26.25 0.65
C GLN A 36 8.21 -24.81 0.78
N ALA A 37 8.05 -24.17 1.94
CA ALA A 37 8.57 -22.80 2.18
C ALA A 37 10.10 -22.83 2.11
N ALA A 38 10.75 -23.84 2.71
CA ALA A 38 12.21 -24.01 2.70
C ALA A 38 12.71 -24.19 1.25
N LEU A 39 12.04 -25.03 0.46
CA LEU A 39 12.44 -25.32 -0.95
C LEU A 39 12.36 -24.03 -1.77
N LEU A 40 11.29 -23.26 -1.60
CA LEU A 40 11.12 -21.97 -2.33
C LEU A 40 12.26 -21.02 -1.93
N ALA A 41 12.55 -20.92 -0.63
CA ALA A 41 13.62 -20.01 -0.13
C ALA A 41 14.97 -20.45 -0.72
N LEU A 42 15.23 -21.75 -0.77
CA LEU A 42 16.50 -22.30 -1.31
C LEU A 42 16.59 -22.07 -2.83
N GLU A 43 15.46 -22.14 -3.55
CA GLU A 43 15.42 -21.81 -4.99
C GLU A 43 15.80 -20.34 -5.19
N CYS A 44 15.28 -19.44 -4.34
CA CYS A 44 15.63 -18.00 -4.39
C CYS A 44 17.12 -17.83 -4.09
N ALA A 45 17.65 -18.53 -3.08
CA ALA A 45 19.10 -18.44 -2.71
C ALA A 45 19.96 -18.97 -3.87
N GLN A 46 19.47 -19.94 -4.64
CA GLN A 46 20.25 -20.46 -5.80
C GLN A 46 20.27 -19.42 -6.93
N ARG A 47 19.19 -18.65 -7.09
CA ARG A 47 19.05 -17.71 -8.23
C ARG A 47 19.73 -16.37 -7.93
N TYR A 48 19.54 -15.80 -6.74
CA TYR A 48 19.92 -14.40 -6.43
C TYR A 48 21.05 -14.33 -5.39
N ALA A 49 21.81 -13.23 -5.38
CA ALA A 49 22.97 -13.03 -4.49
C ALA A 49 22.49 -12.76 -3.06
N GLU A 50 21.79 -11.65 -2.86
CA GLU A 50 21.38 -11.18 -1.50
C GLU A 50 19.86 -11.30 -1.36
N PRO A 51 19.36 -11.50 -0.12
CA PRO A 51 17.92 -11.52 0.12
C PRO A 51 17.25 -10.15 -0.08
N ASP A 52 18.03 -9.10 -0.36
CA ASP A 52 17.49 -7.78 -0.76
C ASP A 52 18.14 -7.30 -2.06
N SER A 53 18.65 -8.22 -2.88
CA SER A 53 19.10 -7.93 -4.27
C SER A 53 17.91 -7.33 -5.02
N ALA A 54 18.16 -6.31 -5.83
CA ALA A 54 17.12 -5.57 -6.57
C ALA A 54 16.32 -6.54 -7.44
N ASP A 55 16.98 -7.47 -8.14
CA ASP A 55 16.27 -8.40 -9.07
C ASP A 55 15.32 -9.30 -8.28
N PHE A 56 15.74 -9.76 -7.10
CA PHE A 56 14.89 -10.58 -6.20
C PHE A 56 13.69 -9.75 -5.77
N LEU A 57 13.91 -8.52 -5.29
CA LEU A 57 12.80 -7.70 -4.74
C LEU A 57 11.77 -7.35 -5.83
N ALA A 58 12.21 -7.13 -7.06
CA ALA A 58 11.30 -6.91 -8.22
C ALA A 58 10.35 -8.11 -8.38
N ASP A 59 10.87 -9.33 -8.17
CA ASP A 59 10.20 -10.64 -8.39
C ASP A 59 9.48 -11.11 -7.10
N ALA A 60 9.77 -10.53 -5.93
CA ALA A 60 9.43 -11.12 -4.61
C ALA A 60 7.91 -11.29 -4.42
N ALA A 61 7.10 -10.30 -4.78
CA ALA A 61 5.63 -10.35 -4.58
C ALA A 61 5.05 -11.58 -5.31
N VAL A 62 5.53 -11.88 -6.52
CA VAL A 62 5.01 -13.02 -7.32
C VAL A 62 5.61 -14.34 -6.82
N LEU A 63 6.90 -14.36 -6.48
CA LEU A 63 7.52 -15.58 -5.90
C LEU A 63 6.79 -15.97 -4.61
N ALA A 64 6.34 -15.00 -3.82
CA ALA A 64 5.66 -15.24 -2.52
C ALA A 64 4.35 -16.00 -2.75
N HIS A 65 3.74 -15.88 -3.93
CA HIS A 65 2.48 -16.56 -4.35
C HIS A 65 2.68 -18.09 -4.36
N ASP A 66 3.93 -18.57 -4.40
CA ASP A 66 4.27 -20.01 -4.42
C ASP A 66 4.43 -20.55 -2.99
N LEU A 67 4.29 -19.73 -1.96
CA LEU A 67 4.24 -20.22 -0.56
C LEU A 67 2.97 -21.06 -0.41
N PRO A 68 2.91 -21.97 0.60
CA PRO A 68 1.75 -22.83 0.76
C PRO A 68 0.43 -22.06 0.89
N ARG A 69 -0.61 -22.53 0.20
CA ARG A 69 -1.92 -21.84 0.05
C ARG A 69 -2.54 -21.59 1.42
N ALA A 70 -2.47 -22.58 2.33
CA ALA A 70 -3.05 -22.48 3.68
C ALA A 70 -2.42 -21.30 4.42
N VAL A 71 -1.12 -21.10 4.22
CA VAL A 71 -0.36 -19.99 4.85
C VAL A 71 -0.75 -18.65 4.19
N ARG A 72 -0.81 -18.59 2.85
CA ARG A 72 -1.22 -17.37 2.12
C ARG A 72 -2.63 -16.95 2.57
N ARG A 73 -3.52 -17.90 2.79
CA ARG A 73 -4.90 -17.59 3.25
C ARG A 73 -4.85 -16.91 4.62
N GLU A 74 -4.12 -17.47 5.58
CA GLU A 74 -4.05 -16.93 6.96
C GLU A 74 -3.33 -15.58 6.93
N VAL A 75 -2.30 -15.41 6.11
CA VAL A 75 -1.54 -14.13 6.03
C VAL A 75 -2.50 -13.03 5.52
N GLU A 76 -3.33 -13.36 4.52
CA GLU A 76 -4.31 -12.42 3.94
C GLU A 76 -5.37 -12.03 4.98
N ARG A 77 -5.85 -12.97 5.79
CA ARG A 77 -6.80 -12.68 6.90
C ARG A 77 -6.16 -11.67 7.86
N ALA A 78 -4.88 -11.88 8.19
CA ALA A 78 -4.12 -10.99 9.11
C ALA A 78 -4.02 -9.59 8.49
N ARG A 79 -3.72 -9.53 7.19
CA ARG A 79 -3.41 -8.27 6.47
C ARG A 79 -4.61 -7.32 6.54
N LEU A 80 -5.83 -7.85 6.45
CA LEU A 80 -7.09 -7.06 6.39
C LEU A 80 -7.71 -6.90 7.79
N ASP A 81 -7.09 -7.47 8.82
CA ASP A 81 -7.58 -7.32 10.21
C ASP A 81 -6.99 -6.06 10.82
N ASP A 82 -7.79 -4.99 10.95
CA ASP A 82 -7.26 -3.67 11.37
C ASP A 82 -7.14 -3.63 12.90
N ARG A 83 -7.39 -4.75 13.58
CA ARG A 83 -7.12 -4.87 15.05
C ARG A 83 -6.04 -5.92 15.29
N LEU A 84 -5.35 -6.40 14.25
CA LEU A 84 -4.23 -7.35 14.39
C LEU A 84 -3.14 -6.77 15.32
N HIS A 85 -2.60 -7.60 16.21
CA HIS A 85 -1.37 -7.30 16.96
C HIS A 85 -0.20 -7.95 16.21
N ALA A 86 -0.28 -9.26 15.99
CA ALA A 86 0.79 -9.99 15.27
C ALA A 86 0.24 -11.25 14.63
N LEU A 87 0.71 -11.51 13.42
CA LEU A 87 0.63 -12.81 12.72
C LEU A 87 1.91 -13.56 13.09
N VAL A 88 1.76 -14.79 13.57
CA VAL A 88 2.93 -15.65 13.89
C VAL A 88 2.86 -16.94 13.07
N VAL A 89 3.90 -17.20 12.30
CA VAL A 89 4.03 -18.42 11.47
C VAL A 89 5.08 -19.29 12.17
N ARG A 90 4.65 -20.41 12.73
CA ARG A 90 5.51 -21.28 13.57
C ARG A 90 6.05 -22.44 12.73
N GLY A 91 7.30 -22.84 13.00
CA GLY A 91 7.83 -24.15 12.60
C GLY A 91 8.46 -24.16 11.21
N ASN A 92 9.03 -23.04 10.75
CA ASN A 92 9.90 -23.08 9.55
C ASN A 92 11.15 -23.89 9.86
N ASP A 93 11.70 -24.53 8.84
CA ASP A 93 12.95 -25.33 8.93
C ASP A 93 14.13 -24.38 9.20
N VAL A 94 14.89 -24.61 10.27
CA VAL A 94 16.18 -23.92 10.49
C VAL A 94 17.23 -24.99 10.85
N ASP A 95 18.24 -25.14 10.00
CA ASP A 95 19.34 -26.11 10.23
C ASP A 95 20.39 -25.43 11.12
N GLN A 96 20.35 -25.70 12.42
CA GLN A 96 21.20 -25.02 13.44
C GLN A 96 22.68 -25.33 13.14
N ASP A 97 23.01 -26.58 12.80
CA ASP A 97 24.40 -27.02 12.50
C ASP A 97 24.93 -26.26 11.29
N ALA A 98 24.15 -26.20 10.20
CA ALA A 98 24.53 -25.52 8.94
C ALA A 98 24.62 -24.00 9.17
N LEU A 99 23.78 -23.44 10.04
CA LEU A 99 23.75 -21.96 10.29
C LEU A 99 25.08 -21.48 10.88
N GLY A 100 25.70 -22.29 11.74
CA GLY A 100 26.95 -21.92 12.42
C GLY A 100 26.73 -20.93 13.56
N PRO A 101 27.82 -20.29 14.06
CA PRO A 101 27.72 -19.43 15.23
C PRO A 101 26.98 -18.12 14.97
N THR A 102 26.30 -17.61 15.98
CA THR A 102 25.72 -16.25 15.98
C THR A 102 26.84 -15.23 15.84
N PRO A 103 26.85 -14.44 14.75
CA PRO A 103 27.86 -13.40 14.58
C PRO A 103 27.90 -12.42 15.75
N PRO A 104 29.09 -11.87 16.06
CA PRO A 104 29.26 -10.94 17.18
C PRO A 104 28.82 -9.49 16.90
N HIS A 105 28.41 -9.20 15.66
CA HIS A 105 28.00 -7.84 15.22
C HIS A 105 27.10 -7.98 14.00
N TRP A 106 26.10 -7.12 13.87
CA TRP A 106 25.19 -7.15 12.69
C TRP A 106 26.01 -6.98 11.41
N ARG A 107 27.12 -6.24 11.47
CA ARG A 107 27.96 -5.98 10.27
C ARG A 107 28.46 -7.31 9.68
N GLN A 108 28.71 -8.31 10.54
CA GLN A 108 29.23 -9.66 10.15
C GLN A 108 28.09 -10.67 9.98
N ALA A 109 26.83 -10.23 10.00
CA ALA A 109 25.66 -11.15 10.11
C ALA A 109 25.05 -11.46 8.74
N ARG A 110 25.57 -10.89 7.65
CA ARG A 110 25.20 -11.25 6.25
C ARG A 110 25.95 -12.51 5.84
N THR A 111 25.74 -13.61 6.56
CA THR A 111 26.51 -14.87 6.40
C THR A 111 25.92 -15.67 5.24
N ALA A 112 26.75 -16.45 4.56
CA ALA A 112 26.31 -17.41 3.52
C ALA A 112 25.18 -18.28 4.06
N ALA A 113 25.37 -18.91 5.22
CA ALA A 113 24.47 -19.94 5.78
C ALA A 113 23.11 -19.34 6.15
N SER A 114 23.05 -18.04 6.44
CA SER A 114 21.80 -17.36 6.91
C SER A 114 21.03 -16.75 5.73
N ARG A 115 21.59 -16.73 4.52
CA ARG A 115 20.92 -16.14 3.33
C ARG A 115 19.51 -16.71 3.18
N ARG A 116 19.36 -18.03 3.27
CA ARG A 116 18.07 -18.72 2.99
C ARG A 116 16.96 -18.17 3.89
N TYR A 117 17.30 -17.73 5.11
CA TYR A 117 16.30 -17.25 6.10
C TYR A 117 15.92 -15.82 5.76
N GLY A 118 16.89 -15.01 5.32
CA GLY A 118 16.66 -13.69 4.73
C GLY A 118 15.68 -13.76 3.58
N PHE A 119 15.91 -14.68 2.63
CA PHE A 119 15.04 -14.85 1.45
C PHE A 119 13.64 -15.23 1.94
N LEU A 120 13.55 -16.15 2.89
CA LEU A 120 12.22 -16.66 3.31
C LEU A 120 11.48 -15.54 4.04
N LEU A 121 12.17 -14.73 4.84
CA LEU A 121 11.52 -13.60 5.55
C LEU A 121 10.92 -12.65 4.50
N VAL A 122 11.66 -12.33 3.46
CA VAL A 122 11.19 -11.40 2.40
C VAL A 122 9.98 -12.04 1.69
N LEU A 123 10.01 -13.34 1.42
CA LEU A 123 8.87 -14.00 0.74
C LEU A 123 7.60 -13.85 1.60
N TYR A 124 7.66 -14.14 2.90
CA TYR A 124 6.49 -14.01 3.80
C TYR A 124 6.07 -12.53 3.81
N ALA A 125 7.05 -11.64 3.97
CA ALA A 125 6.82 -10.18 4.09
C ALA A 125 6.08 -9.66 2.86
N SER A 126 6.36 -10.21 1.69
CA SER A 126 5.90 -9.67 0.39
C SER A 126 4.42 -10.05 0.15
N LEU A 127 3.89 -10.94 0.99
CA LEU A 127 2.42 -11.17 1.05
C LEU A 127 1.70 -10.00 1.73
N LEU A 128 2.37 -9.19 2.55
CA LEU A 128 1.73 -8.13 3.37
C LEU A 128 1.93 -6.75 2.75
N GLY A 129 2.97 -6.61 1.92
CA GLY A 129 3.34 -5.33 1.32
C GLY A 129 4.72 -5.42 0.70
N ASP A 130 5.37 -4.26 0.57
CA ASP A 130 6.71 -4.16 -0.05
C ASP A 130 7.75 -3.87 1.02
N VAL A 131 8.90 -4.54 0.94
CA VAL A 131 9.94 -4.37 1.99
C VAL A 131 10.70 -3.06 1.75
N VAL A 132 11.05 -2.39 2.84
CA VAL A 132 11.88 -1.14 2.83
C VAL A 132 12.95 -1.24 3.92
N GLY A 133 14.03 -0.49 3.73
CA GLY A 133 15.03 -0.25 4.78
C GLY A 133 15.24 1.24 4.98
N TRP A 134 16.25 1.58 5.75
CA TRP A 134 16.56 2.98 6.14
C TRP A 134 18.03 3.25 5.84
N ALA A 135 18.34 4.37 5.18
CA ALA A 135 19.74 4.75 4.87
C ALA A 135 20.57 4.77 6.15
N THR A 136 19.94 5.08 7.27
CA THR A 136 20.57 5.42 8.57
C THR A 136 20.48 4.26 9.56
N GLN A 137 20.06 3.06 9.14
CA GLN A 137 19.99 1.89 10.03
C GLN A 137 20.71 0.69 9.40
N GLN A 138 21.66 0.11 10.12
CA GLN A 138 22.50 -1.04 9.66
C GLN A 138 22.92 -0.81 8.20
N ASP A 139 23.49 0.36 7.93
CA ASP A 139 24.14 0.73 6.64
C ASP A 139 23.15 0.60 5.48
N GLY A 140 21.86 0.84 5.70
CA GLY A 140 20.85 0.81 4.62
C GLY A 140 20.50 -0.59 4.16
N ARG A 141 20.77 -1.64 4.93
CA ARG A 141 20.32 -3.02 4.60
C ARG A 141 18.80 -3.10 4.73
N VAL A 142 18.17 -3.83 3.82
CA VAL A 142 16.69 -4.06 3.93
C VAL A 142 16.44 -5.23 4.90
N VAL A 143 17.16 -6.33 4.76
CA VAL A 143 17.12 -7.45 5.75
C VAL A 143 18.18 -7.14 6.81
N THR A 144 17.73 -6.93 8.05
CA THR A 144 18.64 -6.49 9.16
C THR A 144 18.74 -7.61 10.19
N ASP A 145 19.63 -7.42 11.17
CA ASP A 145 19.95 -8.50 12.12
C ASP A 145 19.73 -7.99 13.53
N VAL A 146 19.06 -8.80 14.34
CA VAL A 146 18.82 -8.54 15.78
C VAL A 146 19.60 -9.60 16.56
N LEU A 147 20.70 -9.21 17.18
CA LEU A 147 21.57 -10.12 17.96
C LEU A 147 22.31 -9.27 18.97
N PRO A 148 22.69 -9.85 20.13
CA PRO A 148 23.32 -9.06 21.18
C PRO A 148 24.78 -8.78 20.79
N ILE A 149 25.23 -7.56 21.08
CA ILE A 149 26.61 -7.10 20.78
C ILE A 149 27.28 -6.70 22.10
N GLU A 150 28.50 -7.19 22.29
CA GLU A 150 29.32 -6.88 23.47
C GLU A 150 29.56 -5.36 23.49
N GLY A 151 29.24 -4.69 24.60
CA GLY A 151 29.37 -3.23 24.73
C GLY A 151 28.06 -2.51 24.50
N GLN A 152 27.02 -3.20 23.98
CA GLN A 152 25.68 -2.61 23.74
C GLN A 152 24.65 -3.17 24.73
N GLU A 153 25.09 -3.89 25.78
CA GLU A 153 24.16 -4.58 26.71
C GLU A 153 23.10 -3.61 27.24
N ASP A 154 23.52 -2.39 27.62
CA ASP A 154 22.70 -1.40 28.36
C ASP A 154 22.24 -0.30 27.40
N SER A 155 22.46 -0.46 26.09
CA SER A 155 22.02 0.51 25.05
C SER A 155 20.51 0.42 24.86
N LEU A 156 19.96 1.32 24.04
CA LEU A 156 18.52 1.38 23.69
C LEU A 156 18.30 0.83 22.27
N VAL A 157 19.26 0.10 21.71
CA VAL A 157 19.16 -0.42 20.31
C VAL A 157 18.88 -1.92 20.37
N SER A 158 18.56 -2.50 19.20
CA SER A 158 18.06 -3.89 19.08
C SER A 158 19.15 -4.90 19.49
N SER A 159 20.42 -4.49 19.51
CA SER A 159 21.57 -5.34 19.90
C SER A 159 21.79 -5.33 21.42
N SER A 160 20.89 -4.73 22.19
CA SER A 160 20.94 -4.73 23.66
C SER A 160 20.61 -6.13 24.20
N SER A 161 20.80 -6.33 25.49
CA SER A 161 20.53 -7.61 26.16
C SER A 161 20.12 -7.33 27.60
N SER A 162 21.04 -6.87 28.44
CA SER A 162 20.83 -6.67 29.90
C SER A 162 19.70 -5.69 30.16
N VAL A 163 19.61 -4.60 29.39
CA VAL A 163 18.55 -3.57 29.56
C VAL A 163 17.41 -3.92 28.60
N GLU A 164 16.20 -4.09 29.14
CA GLU A 164 14.97 -4.34 28.35
C GLU A 164 14.90 -3.36 27.18
N LEU A 165 14.57 -3.85 25.98
CA LEU A 165 14.34 -2.95 24.83
C LEU A 165 12.97 -2.31 25.05
N GLY A 166 12.96 -1.01 25.32
CA GLY A 166 11.73 -0.26 25.64
C GLY A 166 10.70 -0.41 24.53
N TRP A 167 9.43 -0.47 24.88
CA TRP A 167 8.36 -0.68 23.88
C TRP A 167 8.28 0.55 22.97
N HIS A 168 7.97 0.31 21.70
CA HIS A 168 7.97 1.38 20.67
C HIS A 168 7.19 0.94 19.45
N THR A 169 6.57 1.91 18.79
CA THR A 169 6.27 1.88 17.35
C THR A 169 7.59 1.95 16.58
N GLU A 170 7.82 1.04 15.62
CA GLU A 170 9.08 1.05 14.83
C GLU A 170 9.16 2.36 14.06
N ASP A 171 10.28 3.06 14.19
CA ASP A 171 10.55 4.32 13.44
C ASP A 171 9.38 5.29 13.64
N ALA A 172 8.90 5.42 14.89
CA ALA A 172 7.74 6.22 15.29
C ALA A 172 7.86 7.66 14.76
N PHE A 173 9.09 8.20 14.70
CA PHE A 173 9.35 9.61 14.31
C PHE A 173 8.95 9.89 12.87
N SER A 174 8.88 8.87 12.01
CA SER A 174 8.85 9.03 10.53
C SER A 174 7.45 8.85 9.97
N PRO A 175 7.02 9.70 9.02
CA PRO A 175 5.79 9.46 8.26
C PRO A 175 5.90 8.23 7.35
N TYR A 176 7.11 7.70 7.16
CA TYR A 176 7.38 6.53 6.30
C TYR A 176 7.62 5.27 7.14
N ARG A 177 7.34 5.31 8.43
CA ARG A 177 7.44 4.13 9.34
C ARG A 177 6.66 2.96 8.73
N ALA A 178 7.12 1.75 8.99
CA ALA A 178 6.56 0.50 8.44
C ALA A 178 5.11 0.33 8.90
N ASP A 179 4.32 -0.36 8.09
CA ASP A 179 2.99 -0.91 8.47
C ASP A 179 3.18 -2.23 9.21
N TYR A 180 4.17 -3.04 8.83
CA TYR A 180 4.51 -4.28 9.56
C TYR A 180 6.01 -4.35 9.83
N VAL A 181 6.34 -4.90 10.99
CA VAL A 181 7.74 -5.31 11.31
C VAL A 181 7.75 -6.85 11.31
N GLY A 182 8.64 -7.43 10.50
CA GLY A 182 8.84 -8.89 10.39
C GLY A 182 10.06 -9.29 11.21
N LEU A 183 9.91 -10.34 12.02
CA LEU A 183 11.01 -10.91 12.84
C LEU A 183 11.08 -12.41 12.58
N PHE A 184 12.16 -12.90 12.00
CA PHE A 184 12.40 -14.35 11.76
C PHE A 184 13.42 -14.83 12.79
N SER A 185 12.97 -15.60 13.78
CA SER A 185 13.86 -16.16 14.83
C SER A 185 14.68 -17.30 14.23
N LEU A 186 16.00 -17.16 14.20
CA LEU A 186 16.95 -18.23 13.76
C LEU A 186 17.31 -19.08 14.98
N ARG A 187 17.38 -18.44 16.14
CA ARG A 187 17.71 -19.16 17.40
C ARG A 187 17.39 -18.26 18.58
N ASN A 188 16.99 -18.89 19.68
CA ASN A 188 16.50 -18.20 20.89
C ASN A 188 16.56 -19.22 22.02
N PRO A 189 17.78 -19.69 22.37
CA PRO A 189 17.93 -20.84 23.27
C PRO A 189 17.29 -20.65 24.65
N ASP A 190 17.22 -19.40 25.15
CA ASP A 190 16.68 -19.08 26.50
C ASP A 190 15.24 -18.59 26.40
N SER A 191 14.59 -18.72 25.24
CA SER A 191 13.16 -18.39 25.04
C SER A 191 12.90 -16.94 25.46
N VAL A 192 13.76 -16.01 25.03
CA VAL A 192 13.62 -14.56 25.36
C VAL A 192 12.39 -14.03 24.62
N ALA A 193 11.49 -13.36 25.34
CA ALA A 193 10.19 -12.87 24.81
C ALA A 193 10.36 -11.53 24.10
N THR A 194 9.70 -11.40 22.95
CA THR A 194 9.29 -10.12 22.33
C THR A 194 8.11 -9.61 23.15
N THR A 195 8.01 -8.30 23.35
CA THR A 195 6.91 -7.68 24.12
C THR A 195 6.02 -6.94 23.12
N VAL A 196 4.72 -6.88 23.43
CA VAL A 196 3.67 -6.34 22.53
C VAL A 196 2.60 -5.65 23.39
N ALA A 197 2.09 -4.49 22.96
CA ALA A 197 0.86 -3.91 23.54
C ALA A 197 0.11 -3.10 22.48
N GLY A 198 -1.21 -3.25 22.46
CA GLY A 198 -2.12 -2.32 21.75
C GLY A 198 -2.77 -1.35 22.71
N LEU A 199 -3.53 -0.39 22.20
CA LEU A 199 -4.31 0.57 23.02
C LEU A 199 -5.80 0.25 22.90
N ASP A 200 -6.44 0.00 24.04
CA ASP A 200 -7.92 -0.06 24.21
C ASP A 200 -8.41 1.35 24.52
N PRO A 201 -9.01 2.08 23.56
CA PRO A 201 -9.44 3.46 23.81
C PRO A 201 -10.40 3.58 25.00
N ASP A 202 -11.28 2.58 25.19
CA ASP A 202 -12.29 2.52 26.27
C ASP A 202 -11.62 2.56 27.65
N LEU A 203 -10.42 1.97 27.78
CA LEU A 203 -9.73 1.76 29.08
C LEU A 203 -8.95 3.02 29.49
N VAL A 204 -8.57 3.86 28.54
CA VAL A 204 -7.90 5.17 28.83
C VAL A 204 -8.97 6.27 28.82
N GLY A 205 -10.12 5.99 28.20
CA GLY A 205 -11.32 6.86 28.21
C GLY A 205 -11.27 7.92 27.11
N PRO A 206 -12.43 8.50 26.71
CA PRO A 206 -12.50 9.45 25.60
C PRO A 206 -11.67 10.73 25.84
N ALA A 207 -11.44 11.11 27.11
CA ALA A 207 -10.70 12.32 27.51
C ALA A 207 -9.24 12.24 27.04
N VAL A 208 -8.56 11.16 27.40
CA VAL A 208 -7.11 10.94 27.09
C VAL A 208 -6.97 10.69 25.58
N VAL A 209 -7.89 9.92 24.99
CA VAL A 209 -7.94 9.63 23.52
C VAL A 209 -7.98 10.96 22.75
N ASP A 210 -8.86 11.88 23.15
CA ASP A 210 -9.01 13.22 22.50
C ASP A 210 -7.66 13.94 22.50
N VAL A 211 -6.94 13.90 23.62
CA VAL A 211 -5.62 14.58 23.78
C VAL A 211 -4.57 13.90 22.89
N LEU A 212 -4.53 12.56 22.88
CA LEU A 212 -3.52 11.78 22.10
C LEU A 212 -3.74 11.95 20.60
N PHE A 213 -4.97 12.30 20.18
CA PHE A 213 -5.34 12.58 18.77
C PHE A 213 -4.82 13.96 18.35
N GLY A 214 -4.47 14.82 19.31
CA GLY A 214 -3.95 16.17 19.04
C GLY A 214 -2.49 16.10 18.63
N GLU A 215 -2.05 17.03 17.78
CA GLU A 215 -0.63 17.18 17.37
C GLU A 215 0.11 17.91 18.48
N ARG A 216 0.35 17.23 19.60
CA ARG A 216 0.81 17.85 20.86
C ARG A 216 2.03 17.09 21.42
N PHE A 217 2.71 16.31 20.58
CA PHE A 217 3.85 15.45 21.01
C PHE A 217 5.04 15.60 20.07
N HIS A 218 6.23 15.33 20.60
CA HIS A 218 7.50 15.24 19.87
C HIS A 218 7.98 13.78 19.89
N ILE A 219 8.18 13.18 18.72
CA ILE A 219 8.73 11.80 18.62
C ILE A 219 10.05 11.89 17.87
N ARG A 220 11.15 11.57 18.55
CA ARG A 220 12.51 11.69 18.01
C ARG A 220 12.96 10.34 17.44
N PRO A 221 13.85 10.34 16.42
CA PRO A 221 14.47 9.11 15.95
C PRO A 221 15.18 8.40 17.11
N ASP A 222 15.10 7.06 17.14
CA ASP A 222 15.82 6.26 18.16
C ASP A 222 17.31 6.22 17.80
N ASN A 223 18.11 5.75 18.75
CA ASN A 223 19.59 5.82 18.66
C ASN A 223 20.14 4.96 17.52
N SER A 224 19.40 3.96 17.01
CA SER A 224 19.92 3.06 15.95
C SER A 224 20.09 3.84 14.63
N HIS A 225 19.45 5.01 14.50
CA HIS A 225 19.56 5.87 13.28
C HIS A 225 20.78 6.78 13.37
N LEU A 226 21.54 6.70 14.47
CA LEU A 226 22.69 7.61 14.70
C LEU A 226 23.95 7.02 14.08
N PRO A 227 24.95 7.87 13.74
CA PRO A 227 26.21 7.39 13.20
C PRO A 227 26.93 6.38 14.11
N THR A 228 26.63 6.38 15.42
CA THR A 228 27.26 5.45 16.41
C THR A 228 26.79 4.01 16.20
N HIS A 229 25.77 3.76 15.37
CA HIS A 229 25.25 2.40 15.08
C HIS A 229 25.30 2.10 13.58
N ASN A 230 26.19 2.79 12.87
CA ASN A 230 26.42 2.59 11.42
C ASN A 230 27.92 2.64 11.16
N SER A 231 28.34 2.08 10.02
CA SER A 231 29.76 2.10 9.58
C SER A 231 30.22 3.55 9.43
N GLY A 232 31.46 3.84 9.84
CA GLY A 232 32.03 5.20 9.86
C GLY A 232 32.21 5.79 8.47
N GLY A 233 32.29 4.93 7.44
CA GLY A 233 32.44 5.34 6.04
C GLY A 233 31.16 5.89 5.43
N ARG A 234 30.01 5.72 6.11
CA ARG A 234 28.68 6.19 5.61
C ARG A 234 28.68 7.72 5.61
N LEU A 235 28.16 8.34 4.55
CA LEU A 235 28.18 9.82 4.34
C LEU A 235 27.46 10.50 5.50
N SER A 236 28.01 11.64 5.97
CA SER A 236 27.48 12.48 7.06
C SER A 236 26.05 12.93 6.74
N ASP A 237 25.77 13.14 5.46
CA ASP A 237 24.54 13.77 4.94
C ASP A 237 23.37 12.79 5.04
N TYR A 238 23.64 11.48 4.98
CA TYR A 238 22.62 10.44 5.25
C TYR A 238 21.95 10.78 6.58
N PHE A 239 22.70 11.35 7.52
CA PHE A 239 22.28 11.53 8.94
C PHE A 239 21.72 12.93 9.19
N ALA A 240 21.84 13.89 8.26
CA ALA A 240 21.33 15.27 8.46
C ALA A 240 19.83 15.25 8.75
N GLY A 241 19.06 14.48 7.98
CA GLY A 241 17.60 14.31 8.17
C GLY A 241 17.29 13.77 9.55
N ILE A 242 17.97 12.71 9.97
CA ILE A 242 17.78 12.12 11.32
C ILE A 242 18.11 13.17 12.39
N VAL A 243 19.25 13.84 12.26
CA VAL A 243 19.71 14.80 13.31
C VAL A 243 18.69 15.96 13.38
N GLU A 244 18.17 16.42 12.25
CA GLU A 244 17.13 17.48 12.23
C GLU A 244 15.88 17.01 13.01
N ALA A 245 15.50 15.73 12.88
CA ALA A 245 14.30 15.16 13.54
C ALA A 245 14.55 14.97 15.05
N VAL A 246 15.82 14.84 15.46
CA VAL A 246 16.22 14.78 16.90
C VAL A 246 16.17 16.20 17.48
N GLU A 247 16.76 17.16 16.77
CA GLU A 247 16.92 18.55 17.25
C GLU A 247 15.57 19.30 17.23
N ASN A 248 14.82 19.20 16.13
CA ASN A 248 13.61 20.02 15.87
C ASN A 248 12.45 19.11 15.47
N PRO A 249 12.02 18.20 16.36
CA PRO A 249 10.91 17.30 16.05
C PRO A 249 9.64 18.11 15.75
N ARG A 250 8.86 17.66 14.76
CA ARG A 250 7.53 18.25 14.44
C ARG A 250 6.54 17.88 15.55
N ALA A 251 5.58 18.78 15.84
CA ALA A 251 4.41 18.49 16.68
C ALA A 251 3.54 17.46 15.95
N VAL A 252 3.36 16.27 16.54
CA VAL A 252 2.62 15.13 15.92
C VAL A 252 1.67 14.55 16.96
N SER A 253 0.66 13.81 16.49
CA SER A 253 -0.30 13.05 17.31
C SER A 253 0.30 11.69 17.64
N ILE A 254 -0.28 11.02 18.63
CA ILE A 254 0.07 9.61 18.98
C ILE A 254 -1.02 8.69 18.42
N LEU A 255 -2.27 9.16 18.37
CA LEU A 255 -3.44 8.43 17.80
C LEU A 255 -3.88 9.11 16.51
N ARG A 256 -4.28 8.32 15.51
CA ARG A 256 -4.90 8.82 14.25
C ARG A 256 -5.90 7.80 13.69
N GLY A 257 -6.76 8.25 12.77
CA GLY A 257 -7.69 7.38 12.04
C GLY A 257 -9.05 7.35 12.70
N HIS A 258 -9.75 6.23 12.58
CA HIS A 258 -11.13 6.04 13.11
C HIS A 258 -11.06 5.94 14.64
N ARG A 259 -11.97 6.63 15.34
CA ARG A 259 -12.06 6.59 16.83
C ARG A 259 -12.22 5.14 17.33
N ASP A 260 -12.94 4.31 16.58
CA ASP A 260 -13.26 2.88 16.90
C ASP A 260 -12.07 1.95 16.63
N ALA A 261 -11.07 2.39 15.85
CA ALA A 261 -9.90 1.57 15.48
C ALA A 261 -8.70 2.46 15.23
N PRO A 262 -8.29 3.29 16.22
CA PRO A 262 -7.25 4.29 15.99
C PRO A 262 -5.87 3.63 15.85
N GLN A 263 -5.03 4.21 15.00
CA GLN A 263 -3.62 3.81 14.86
C GLN A 263 -2.83 4.41 16.01
N LEU A 264 -1.73 3.76 16.37
CA LEU A 264 -0.89 4.11 17.54
C LEU A 264 0.52 4.42 17.03
N CYS A 265 1.13 5.50 17.51
CA CYS A 265 2.50 5.89 17.11
C CYS A 265 3.18 6.56 18.30
N VAL A 266 4.06 5.81 18.98
CA VAL A 266 4.73 6.29 20.21
C VAL A 266 5.96 5.42 20.47
N ASP A 267 7.02 6.04 20.97
CA ASP A 267 8.23 5.33 21.42
C ASP A 267 8.45 5.73 22.88
N SER A 268 8.42 4.74 23.80
CA SER A 268 8.43 4.95 25.26
C SER A 268 9.65 5.76 25.70
N ASP A 269 10.78 5.67 24.99
CA ASP A 269 12.05 6.34 25.36
C ASP A 269 12.33 7.59 24.52
N PHE A 270 11.55 7.88 23.47
CA PHE A 270 11.88 8.98 22.52
C PHE A 270 10.67 9.88 22.24
N THR A 271 9.67 9.89 23.13
CA THR A 271 8.43 10.69 23.00
C THR A 271 8.24 11.57 24.23
N THR A 272 7.93 12.86 24.00
CA THR A 272 7.66 13.87 25.04
C THR A 272 6.43 14.68 24.60
N ALA A 273 5.70 15.27 25.54
CA ALA A 273 4.68 16.30 25.23
C ALA A 273 5.42 17.57 24.78
N VAL A 274 4.82 18.36 23.88
CA VAL A 274 5.33 19.71 23.51
C VAL A 274 5.43 20.53 24.82
N ASP A 275 6.49 21.35 24.92
CA ASP A 275 6.76 22.22 26.09
C ASP A 275 5.49 23.01 26.45
N GLY A 276 5.06 22.93 27.71
CA GLY A 276 3.99 23.78 28.28
C GLY A 276 2.62 23.14 28.18
N ASP A 277 2.48 22.04 27.44
CA ASP A 277 1.19 21.32 27.27
C ASP A 277 1.10 20.26 28.38
N ALA A 278 0.68 20.67 29.58
CA ALA A 278 0.58 19.83 30.79
C ALA A 278 -0.49 18.75 30.58
N GLU A 279 -1.60 19.10 29.93
CA GLU A 279 -2.68 18.15 29.54
C GLU A 279 -2.10 16.99 28.71
N ALA A 280 -1.26 17.33 27.73
CA ALA A 280 -0.59 16.38 26.81
C ALA A 280 0.41 15.51 27.59
N ALA A 281 1.24 16.14 28.43
CA ALA A 281 2.22 15.46 29.30
C ALA A 281 1.50 14.44 30.20
N GLY A 282 0.31 14.79 30.69
CA GLY A 282 -0.51 13.93 31.54
C GLY A 282 -1.07 12.75 30.77
N ALA A 283 -1.57 12.99 29.56
CA ALA A 283 -2.10 11.97 28.64
C ALA A 283 -1.00 10.96 28.28
N LEU A 284 0.20 11.45 27.94
CA LEU A 284 1.37 10.60 27.61
C LEU A 284 1.72 9.72 28.82
N ASP A 285 1.77 10.33 30.01
CA ASP A 285 2.08 9.67 31.30
C ASP A 285 1.08 8.52 31.52
N THR A 286 -0.20 8.78 31.29
CA THR A 286 -1.31 7.80 31.44
C THR A 286 -1.14 6.67 30.42
N LEU A 287 -0.85 7.02 29.16
CA LEU A 287 -0.64 6.04 28.07
C LEU A 287 0.52 5.09 28.43
N ILE A 288 1.63 5.64 28.92
CA ILE A 288 2.87 4.89 29.23
C ILE A 288 2.57 3.85 30.33
N LYS A 289 1.83 4.24 31.37
CA LYS A 289 1.47 3.34 32.49
C LYS A 289 0.53 2.24 31.96
N HIS A 290 -0.44 2.61 31.11
CA HIS A 290 -1.41 1.66 30.51
C HIS A 290 -0.69 0.64 29.61
N LEU A 291 0.20 1.10 28.73
CA LEU A 291 0.91 0.20 27.77
C LEU A 291 1.94 -0.65 28.52
N GLY A 292 2.73 -0.05 29.41
CA GLY A 292 3.74 -0.72 30.24
C GLY A 292 3.17 -1.90 31.03
N GLY A 293 1.95 -1.77 31.55
CA GLY A 293 1.28 -2.83 32.34
C GLY A 293 0.71 -3.93 31.45
N ALA A 294 0.01 -3.55 30.37
CA ALA A 294 -0.65 -4.47 29.41
C ALA A 294 0.40 -5.18 28.55
N LEU A 295 1.61 -4.65 28.46
CA LEU A 295 2.71 -5.24 27.66
C LEU A 295 2.79 -6.75 27.90
N TYR A 296 2.62 -7.55 26.85
CA TYR A 296 2.52 -9.02 26.97
C TYR A 296 3.60 -9.67 26.09
N GLU A 297 3.84 -10.96 26.35
CA GLU A 297 5.01 -11.67 25.80
C GLU A 297 4.61 -12.63 24.68
N VAL A 298 5.43 -12.62 23.63
CA VAL A 298 5.39 -13.60 22.51
C VAL A 298 6.82 -14.11 22.39
N VAL A 299 7.02 -15.41 22.52
CA VAL A 299 8.38 -16.02 22.36
C VAL A 299 8.50 -16.55 20.94
N LEU A 300 9.47 -16.04 20.18
CA LEU A 300 9.77 -16.57 18.82
C LEU A 300 10.89 -17.59 18.97
N GLY A 301 10.53 -18.86 18.83
CA GLY A 301 11.49 -19.98 18.78
C GLY A 301 12.16 -20.04 17.41
N PRO A 302 13.23 -20.84 17.26
CA PRO A 302 13.89 -20.99 15.97
C PRO A 302 12.87 -21.44 14.92
N GLY A 303 12.78 -20.69 13.81
CA GLY A 303 11.88 -21.00 12.68
C GLY A 303 10.54 -20.32 12.82
N ASP A 304 10.31 -19.54 13.89
CA ASP A 304 9.07 -18.76 14.07
C ASP A 304 9.26 -17.38 13.42
N VAL A 305 8.31 -16.97 12.58
CA VAL A 305 8.28 -15.63 11.93
C VAL A 305 7.07 -14.87 12.47
N ALA A 306 7.25 -13.65 12.99
CA ALA A 306 6.13 -12.78 13.40
C ALA A 306 6.11 -11.54 12.51
N PHE A 307 4.91 -11.07 12.21
CA PHE A 307 4.66 -9.75 11.59
C PHE A 307 3.78 -8.99 12.57
N LEU A 308 4.37 -7.98 13.21
CA LEU A 308 3.68 -7.03 14.09
C LEU A 308 3.01 -5.98 13.23
N ASP A 309 1.73 -5.70 13.49
CA ASP A 309 1.04 -4.55 12.84
C ASP A 309 1.50 -3.28 13.56
N ASN A 310 2.41 -2.55 12.92
CA ASN A 310 3.10 -1.38 13.51
C ASN A 310 2.12 -0.18 13.62
N ARG A 311 0.93 -0.27 13.03
CA ARG A 311 -0.13 0.76 13.18
C ARG A 311 -0.90 0.53 14.48
N ASN A 312 -0.87 -0.69 15.03
CA ASN A 312 -1.77 -1.11 16.15
C ASN A 312 -1.00 -1.37 17.44
N VAL A 313 0.25 -1.83 17.38
CA VAL A 313 0.98 -2.23 18.60
C VAL A 313 2.33 -1.55 18.66
N VAL A 314 2.77 -1.34 19.90
CA VAL A 314 4.19 -1.07 20.27
C VAL A 314 4.81 -2.43 20.59
N HIS A 315 6.12 -2.57 20.43
CA HIS A 315 6.80 -3.84 20.76
C HIS A 315 8.17 -3.54 21.34
N GLY A 316 8.76 -4.56 21.93
CA GLY A 316 10.06 -4.48 22.60
C GLY A 316 10.60 -5.86 22.82
N ARG A 317 11.49 -6.02 23.80
CA ARG A 317 12.16 -7.30 24.07
C ARG A 317 12.56 -7.34 25.54
N ARG A 318 12.28 -8.45 26.20
CA ARG A 318 12.62 -8.64 27.63
C ARG A 318 14.13 -8.61 27.79
N PRO A 319 14.62 -8.21 28.99
CA PRO A 319 16.04 -8.25 29.29
C PRO A 319 16.52 -9.71 29.31
N PHE A 320 17.75 -9.95 28.89
CA PHE A 320 18.38 -11.30 28.95
C PHE A 320 19.89 -11.14 29.10
N ARG A 321 20.54 -12.20 29.56
CA ARG A 321 22.02 -12.28 29.68
C ARG A 321 22.55 -12.98 28.43
N ALA A 322 23.29 -12.27 27.58
CA ALA A 322 23.97 -12.85 26.40
C ALA A 322 25.21 -13.61 26.85
N ARG A 323 25.56 -14.69 26.15
CA ARG A 323 26.75 -15.51 26.49
C ARG A 323 27.97 -15.06 25.68
N PHE A 324 27.75 -14.45 24.51
CA PHE A 324 28.82 -13.99 23.58
C PHE A 324 29.80 -15.13 23.30
N ASP A 325 29.27 -16.30 22.94
CA ASP A 325 30.07 -17.53 22.68
C ASP A 325 29.64 -18.16 21.36
N GLY A 326 28.76 -17.49 20.59
CA GLY A 326 28.28 -17.94 19.28
C GLY A 326 26.95 -18.68 19.35
N THR A 327 26.34 -18.78 20.54
CA THR A 327 25.06 -19.52 20.73
C THR A 327 23.90 -18.54 20.93
N ASP A 328 24.15 -17.23 20.86
CA ASP A 328 23.17 -16.21 21.32
C ASP A 328 21.98 -16.11 20.35
N ARG A 329 20.87 -15.63 20.90
CA ARG A 329 19.63 -15.25 20.19
C ARG A 329 19.97 -14.47 18.92
N TRP A 330 19.27 -14.76 17.83
CA TRP A 330 19.53 -14.13 16.51
C TRP A 330 18.22 -14.12 15.73
N LEU A 331 17.71 -12.92 15.41
CA LEU A 331 16.54 -12.75 14.50
C LEU A 331 17.01 -12.03 13.24
N LYS A 332 16.39 -12.37 12.12
CA LYS A 332 16.39 -11.48 10.91
C LYS A 332 15.16 -10.59 11.00
N ARG A 333 15.28 -9.34 10.54
CA ARG A 333 14.21 -8.34 10.68
C ARG A 333 13.98 -7.65 9.34
N ILE A 334 12.74 -7.24 9.10
CA ILE A 334 12.38 -6.51 7.88
C ILE A 334 11.27 -5.52 8.21
N ASN A 335 11.26 -4.40 7.49
CA ASN A 335 10.18 -3.39 7.53
C ASN A 335 9.33 -3.59 6.29
N VAL A 336 8.00 -3.55 6.45
CA VAL A 336 7.05 -3.75 5.34
C VAL A 336 6.14 -2.53 5.25
N THR A 337 5.99 -1.98 4.05
CA THR A 337 5.01 -0.89 3.80
C THR A 337 3.85 -1.44 2.95
N ALA A 338 2.62 -1.04 3.28
CA ALA A 338 1.45 -1.30 2.44
C ALA A 338 1.58 -0.51 1.13
N ASP A 339 2.31 0.62 1.15
CA ASP A 339 2.26 1.60 0.04
C ASP A 339 3.67 2.14 -0.22
N LEU A 340 4.42 1.48 -1.09
CA LEU A 340 5.82 1.87 -1.41
C LEU A 340 5.79 3.24 -2.09
N ARG A 341 4.82 3.47 -2.97
CA ARG A 341 4.74 4.71 -3.78
C ARG A 341 4.76 5.95 -2.89
N LYS A 342 4.15 5.90 -1.70
CA LYS A 342 3.96 7.10 -0.85
C LYS A 342 5.31 7.65 -0.38
N SER A 343 6.36 6.83 -0.33
CA SER A 343 7.70 7.24 0.18
C SER A 343 8.65 7.62 -0.96
N ARG A 344 8.16 7.75 -2.21
CA ARG A 344 9.05 7.99 -3.38
C ARG A 344 9.93 9.24 -3.17
N ALA A 345 9.44 10.29 -2.51
CA ALA A 345 10.24 11.52 -2.23
C ALA A 345 11.49 11.19 -1.40
N ALA A 346 11.48 10.10 -0.63
CA ALA A 346 12.58 9.70 0.27
C ALA A 346 13.42 8.56 -0.32
N ARG A 347 13.15 8.14 -1.56
CA ARG A 347 13.86 7.00 -2.18
C ARG A 347 14.60 7.50 -3.42
N ARG A 348 15.72 6.86 -3.74
CA ARG A 348 16.69 7.29 -4.77
C ARG A 348 16.03 7.20 -6.16
N ASP A 349 15.20 6.19 -6.37
CA ASP A 349 14.58 5.90 -7.68
C ASP A 349 13.38 4.97 -7.42
N ALA A 350 12.64 4.59 -8.45
CA ALA A 350 11.34 3.91 -8.29
C ALA A 350 11.51 2.62 -7.47
N GLN A 351 12.53 1.81 -7.80
CA GLN A 351 12.66 0.43 -7.28
C GLN A 351 13.47 0.42 -5.98
N ALA A 352 14.27 1.45 -5.72
CA ALA A 352 15.11 1.57 -4.51
C ALA A 352 14.22 1.47 -3.26
N ARG A 353 14.65 0.73 -2.25
CA ARG A 353 13.80 0.45 -1.06
C ARG A 353 14.35 1.15 0.18
N VAL A 354 15.40 1.97 0.03
CA VAL A 354 16.13 2.53 1.20
C VAL A 354 15.64 3.97 1.46
N LEU A 355 14.91 4.15 2.54
CA LEU A 355 14.31 5.45 2.92
C LEU A 355 15.42 6.38 3.42
N GLY A 356 15.48 7.60 2.86
CA GLY A 356 16.49 8.61 3.23
C GLY A 356 17.66 8.67 2.26
N GLU A 357 17.63 7.94 1.14
CA GLU A 357 18.62 8.12 0.04
C GLU A 357 18.27 9.35 -0.81
N ALA A 358 17.08 9.96 -0.61
CA ALA A 358 16.67 11.26 -1.20
C ALA A 358 16.03 12.17 -0.13
N HIS B 9 -0.89 -16.28 -29.02
CA HIS B 9 0.33 -16.49 -28.18
C HIS B 9 0.52 -15.32 -27.22
N HIS B 10 1.13 -15.57 -26.05
CA HIS B 10 1.37 -14.55 -25.00
C HIS B 10 2.40 -13.54 -25.52
N SER B 11 2.15 -12.25 -25.31
CA SER B 11 3.15 -11.16 -25.55
C SER B 11 2.89 -10.01 -24.58
N SER B 12 3.91 -9.20 -24.35
CA SER B 12 3.83 -7.98 -23.52
C SER B 12 4.88 -7.00 -24.00
N GLY B 13 4.63 -5.71 -23.82
CA GLY B 13 5.56 -4.68 -24.29
C GLY B 13 5.19 -3.31 -23.78
N LEU B 14 6.14 -2.40 -23.92
CA LEU B 14 6.02 -1.00 -23.49
C LEU B 14 5.62 -0.18 -24.71
N VAL B 15 4.57 0.61 -24.58
CA VAL B 15 4.07 1.50 -25.67
C VAL B 15 4.26 2.93 -25.18
N PRO B 16 5.19 3.70 -25.79
CA PRO B 16 5.46 5.05 -25.31
C PRO B 16 4.39 6.05 -25.77
N ARG B 17 4.20 7.12 -25.01
CA ARG B 17 3.43 8.34 -25.42
C ARG B 17 4.31 9.55 -25.06
N GLY B 18 4.65 10.39 -26.05
CA GLY B 18 5.64 11.48 -25.88
C GLY B 18 6.92 10.97 -25.26
N SER B 19 7.38 11.56 -24.16
CA SER B 19 8.62 11.20 -23.42
C SER B 19 8.37 10.12 -22.37
N HIS B 20 7.12 9.64 -22.25
CA HIS B 20 6.74 8.61 -21.25
C HIS B 20 6.99 7.23 -21.89
N MET B 21 8.16 6.64 -21.62
CA MET B 21 8.65 5.45 -22.36
C MET B 21 7.89 4.20 -21.91
N THR B 22 7.33 4.22 -20.69
CA THR B 22 6.51 3.11 -20.14
C THR B 22 5.08 3.58 -19.92
N ALA B 23 4.61 4.58 -20.68
CA ALA B 23 3.26 5.15 -20.52
C ALA B 23 2.26 4.00 -20.49
N ILE B 24 2.29 3.15 -21.50
CA ILE B 24 1.34 2.00 -21.62
C ILE B 24 2.13 0.70 -21.49
N ARG B 25 1.77 -0.13 -20.52
CA ARG B 25 2.27 -1.51 -20.39
C ARG B 25 1.18 -2.42 -20.93
N GLU B 26 1.44 -3.06 -22.06
CA GLU B 26 0.42 -3.88 -22.74
C GLU B 26 0.76 -5.36 -22.57
N ILE B 27 -0.24 -6.16 -22.22
CA ILE B 27 -0.14 -7.63 -22.09
C ILE B 27 -1.18 -8.22 -23.04
N ARG B 28 -0.78 -9.16 -23.89
CA ARG B 28 -1.74 -9.93 -24.71
C ARG B 28 -1.81 -11.35 -24.16
N LEU B 29 -2.98 -11.77 -23.69
CA LEU B 29 -3.17 -13.14 -23.17
C LEU B 29 -3.10 -14.13 -24.34
N SER B 30 -2.43 -15.26 -24.13
CA SER B 30 -2.56 -16.46 -25.00
C SER B 30 -3.98 -17.01 -24.83
N GLU B 31 -4.43 -17.85 -25.75
CA GLU B 31 -5.73 -18.54 -25.62
C GLU B 31 -5.77 -19.33 -24.31
N PRO B 32 -4.76 -20.16 -23.97
CA PRO B 32 -4.76 -20.84 -22.67
C PRO B 32 -4.83 -19.91 -21.45
N GLU B 33 -4.13 -18.78 -21.48
CA GLU B 33 -4.18 -17.77 -20.37
C GLU B 33 -5.60 -17.21 -20.26
N SER B 34 -6.21 -16.85 -21.39
CA SER B 34 -7.60 -16.31 -21.40
C SER B 34 -8.55 -17.34 -20.78
N ALA B 35 -8.43 -18.62 -21.15
CA ALA B 35 -9.28 -19.71 -20.64
C ALA B 35 -9.05 -19.89 -19.14
N GLN B 36 -7.79 -19.86 -18.69
CA GLN B 36 -7.42 -20.05 -17.26
C GLN B 36 -8.09 -18.95 -16.43
N ALA B 37 -8.01 -17.70 -16.89
CA ALA B 37 -8.58 -16.52 -16.20
C ALA B 37 -10.11 -16.65 -16.15
N ALA B 38 -10.72 -17.09 -17.24
CA ALA B 38 -12.20 -17.24 -17.37
C ALA B 38 -12.65 -18.36 -16.42
N LEU B 39 -11.92 -19.48 -16.40
CA LEU B 39 -12.31 -20.62 -15.52
C LEU B 39 -12.25 -20.17 -14.06
N LEU B 40 -11.22 -19.40 -13.67
CA LEU B 40 -11.07 -18.92 -12.28
C LEU B 40 -12.27 -18.01 -11.93
N ALA B 41 -12.62 -17.08 -12.82
CA ALA B 41 -13.75 -16.13 -12.60
C ALA B 41 -15.05 -16.93 -12.46
N LEU B 42 -15.25 -17.94 -13.29
CA LEU B 42 -16.49 -18.76 -13.31
C LEU B 42 -16.58 -19.56 -12.02
N GLU B 43 -15.46 -20.14 -11.57
CA GLU B 43 -15.39 -20.86 -10.27
C GLU B 43 -15.72 -19.89 -9.12
N CYS B 44 -15.19 -18.67 -9.14
CA CYS B 44 -15.51 -17.64 -8.11
C CYS B 44 -17.02 -17.37 -8.13
N ALA B 45 -17.62 -17.22 -9.32
CA ALA B 45 -19.06 -16.91 -9.49
C ALA B 45 -19.92 -18.06 -8.93
N GLN B 46 -19.40 -19.29 -8.93
CA GLN B 46 -20.09 -20.49 -8.38
C GLN B 46 -20.00 -20.52 -6.84
N ARG B 47 -18.94 -19.95 -6.25
CA ARG B 47 -18.58 -20.17 -4.83
C ARG B 47 -18.93 -18.96 -3.96
N TYR B 48 -19.05 -17.76 -4.54
CA TYR B 48 -19.23 -16.50 -3.78
C TYR B 48 -20.48 -15.79 -4.29
N ALA B 49 -21.14 -15.04 -3.40
CA ALA B 49 -22.42 -14.34 -3.69
C ALA B 49 -22.19 -13.29 -4.78
N GLU B 50 -21.24 -12.37 -4.56
CA GLU B 50 -21.08 -11.17 -5.44
C GLU B 50 -19.60 -10.86 -5.66
N PRO B 51 -19.26 -10.16 -6.76
CA PRO B 51 -17.89 -9.72 -6.99
C PRO B 51 -17.35 -8.79 -5.89
N ASP B 52 -18.23 -8.19 -5.07
CA ASP B 52 -17.77 -7.30 -3.97
C ASP B 52 -18.49 -7.66 -2.66
N SER B 53 -18.90 -8.91 -2.50
CA SER B 53 -19.42 -9.41 -1.19
C SER B 53 -18.21 -9.66 -0.26
N ALA B 54 -18.44 -9.57 1.05
CA ALA B 54 -17.37 -9.67 2.08
C ALA B 54 -16.64 -11.00 1.95
N ASP B 55 -17.38 -12.09 1.73
CA ASP B 55 -16.83 -13.47 1.59
C ASP B 55 -15.79 -13.48 0.46
N PHE B 56 -16.09 -12.89 -0.69
CA PHE B 56 -15.16 -12.91 -1.85
C PHE B 56 -13.97 -11.99 -1.58
N LEU B 57 -14.22 -10.79 -1.06
CA LEU B 57 -13.14 -9.77 -0.95
C LEU B 57 -12.12 -10.21 0.10
N ALA B 58 -12.54 -10.96 1.11
CA ALA B 58 -11.62 -11.53 2.13
C ALA B 58 -10.61 -12.46 1.43
N ASP B 59 -10.98 -13.09 0.32
CA ASP B 59 -10.20 -14.14 -0.36
C ASP B 59 -9.57 -13.62 -1.67
N ALA B 60 -10.03 -12.49 -2.21
CA ALA B 60 -9.78 -12.07 -3.60
C ALA B 60 -8.27 -12.00 -3.88
N ALA B 61 -7.48 -11.45 -2.97
CA ALA B 61 -6.02 -11.24 -3.19
C ALA B 61 -5.32 -12.60 -3.31
N VAL B 62 -5.77 -13.61 -2.58
CA VAL B 62 -5.17 -14.98 -2.67
C VAL B 62 -5.67 -15.66 -3.94
N LEU B 63 -6.96 -15.55 -4.26
CA LEU B 63 -7.49 -16.16 -5.51
C LEU B 63 -6.80 -15.52 -6.73
N ALA B 64 -6.45 -14.25 -6.68
CA ALA B 64 -5.75 -13.54 -7.79
C ALA B 64 -4.41 -14.23 -8.09
N HIS B 65 -3.79 -14.89 -7.10
CA HIS B 65 -2.50 -15.63 -7.23
C HIS B 65 -2.67 -16.80 -8.20
N ASP B 66 -3.91 -17.23 -8.50
CA ASP B 66 -4.18 -18.35 -9.42
C ASP B 66 -4.34 -17.84 -10.86
N LEU B 67 -4.26 -16.54 -11.10
CA LEU B 67 -4.20 -16.02 -12.49
C LEU B 67 -2.91 -16.49 -13.14
N PRO B 68 -2.81 -16.45 -14.48
CA PRO B 68 -1.62 -16.95 -15.17
C PRO B 68 -0.33 -16.26 -14.69
N ARG B 69 0.70 -17.06 -14.44
CA ARG B 69 1.98 -16.61 -13.82
C ARG B 69 2.62 -15.51 -14.67
N ALA B 70 2.68 -15.68 -15.99
CA ALA B 70 3.35 -14.72 -16.91
C ALA B 70 2.67 -13.36 -16.78
N VAL B 71 1.33 -13.37 -16.73
CA VAL B 71 0.47 -12.17 -16.54
C VAL B 71 0.78 -11.55 -15.16
N ARG B 72 0.83 -12.36 -14.11
CA ARG B 72 1.10 -11.86 -12.73
C ARG B 72 2.46 -11.15 -12.71
N ARG B 73 3.49 -11.68 -13.38
CA ARG B 73 4.85 -11.05 -13.37
C ARG B 73 4.76 -9.67 -14.03
N GLU B 74 4.01 -9.56 -15.13
CA GLU B 74 3.92 -8.30 -15.90
C GLU B 74 3.07 -7.28 -15.11
N VAL B 75 2.03 -7.75 -14.43
CA VAL B 75 1.16 -6.81 -13.64
C VAL B 75 1.98 -6.28 -12.47
N GLU B 76 2.78 -7.15 -11.84
CA GLU B 76 3.63 -6.76 -10.70
C GLU B 76 4.64 -5.70 -11.17
N ARG B 77 5.22 -5.83 -12.36
CA ARG B 77 6.15 -4.81 -12.92
C ARG B 77 5.40 -3.47 -13.06
N ALA B 78 4.15 -3.52 -13.54
CA ALA B 78 3.33 -2.30 -13.73
C ALA B 78 3.06 -1.66 -12.36
N ARG B 79 2.78 -2.47 -11.34
CA ARG B 79 2.39 -1.98 -9.98
C ARG B 79 3.49 -1.10 -9.39
N LEU B 80 4.75 -1.45 -9.63
CA LEU B 80 5.91 -0.73 -9.06
C LEU B 80 6.50 0.28 -10.05
N ASP B 81 5.88 0.47 -11.22
CA ASP B 81 6.34 1.49 -12.21
C ASP B 81 5.67 2.81 -11.85
N ASP B 82 6.41 3.71 -11.18
CA ASP B 82 5.86 5.00 -10.71
C ASP B 82 5.74 6.01 -11.84
N ARG B 83 6.01 5.63 -13.08
CA ARG B 83 5.78 6.50 -14.26
C ARG B 83 4.70 5.88 -15.17
N LEU B 84 4.06 4.78 -14.76
CA LEU B 84 2.98 4.13 -15.55
C LEU B 84 1.84 5.11 -15.81
N HIS B 85 1.27 5.09 -17.02
CA HIS B 85 -0.05 5.72 -17.30
C HIS B 85 -1.15 4.66 -17.23
N ALA B 86 -1.05 3.60 -18.02
CA ALA B 86 -2.09 2.57 -18.16
C ALA B 86 -1.43 1.20 -18.34
N LEU B 87 -1.82 0.26 -17.49
CA LEU B 87 -1.64 -1.20 -17.71
C LEU B 87 -2.84 -1.68 -18.53
N VAL B 88 -2.61 -2.36 -19.65
CA VAL B 88 -3.72 -2.87 -20.48
C VAL B 88 -3.51 -4.38 -20.67
N VAL B 89 -4.49 -5.16 -20.25
CA VAL B 89 -4.46 -6.63 -20.43
C VAL B 89 -5.51 -6.94 -21.49
N ARG B 90 -5.08 -7.38 -22.68
CA ARG B 90 -6.00 -7.63 -23.80
C ARG B 90 -6.25 -9.13 -23.99
N GLY B 91 -7.48 -9.46 -24.38
CA GLY B 91 -7.83 -10.79 -24.93
C GLY B 91 -8.50 -11.70 -23.92
N ASN B 92 -9.18 -11.16 -22.90
CA ASN B 92 -10.03 -12.01 -22.02
C ASN B 92 -11.24 -12.49 -22.81
N ASP B 93 -11.75 -13.66 -22.44
CA ASP B 93 -12.97 -14.28 -23.02
C ASP B 93 -14.20 -13.44 -22.61
N VAL B 94 -15.01 -13.03 -23.58
CA VAL B 94 -16.38 -12.47 -23.33
C VAL B 94 -17.32 -13.15 -24.31
N ASP B 95 -18.26 -13.91 -23.76
CA ASP B 95 -19.31 -14.61 -24.55
C ASP B 95 -20.43 -13.60 -24.80
N GLN B 96 -20.44 -12.96 -25.96
CA GLN B 96 -21.35 -11.85 -26.29
C GLN B 96 -22.81 -12.35 -26.29
N ASP B 97 -23.05 -13.54 -26.85
CA ASP B 97 -24.42 -14.13 -26.92
C ASP B 97 -24.95 -14.32 -25.50
N ALA B 98 -24.16 -14.93 -24.60
CA ALA B 98 -24.56 -15.25 -23.21
C ALA B 98 -24.71 -13.96 -22.39
N LEU B 99 -23.92 -12.94 -22.69
CA LEU B 99 -23.94 -11.66 -21.94
C LEU B 99 -25.30 -10.98 -22.10
N GLY B 100 -25.89 -11.06 -23.30
CA GLY B 100 -27.18 -10.42 -23.60
C GLY B 100 -27.00 -8.92 -23.79
N PRO B 101 -28.09 -8.13 -23.82
CA PRO B 101 -28.04 -6.73 -24.20
C PRO B 101 -27.38 -5.86 -23.14
N THR B 102 -26.79 -4.74 -23.57
CA THR B 102 -26.32 -3.66 -22.69
C THR B 102 -27.53 -3.07 -21.97
N PRO B 103 -27.55 -3.11 -20.62
CA PRO B 103 -28.66 -2.54 -19.87
C PRO B 103 -28.80 -1.05 -20.10
N PRO B 104 -30.02 -0.48 -19.92
CA PRO B 104 -30.27 0.95 -20.14
C PRO B 104 -29.90 1.91 -19.00
N HIS B 105 -29.44 1.39 -17.86
CA HIS B 105 -29.08 2.19 -16.67
C HIS B 105 -28.19 1.32 -15.79
N TRP B 106 -27.26 1.93 -15.07
CA TRP B 106 -26.40 1.16 -14.13
C TRP B 106 -27.26 0.47 -13.07
N ARG B 107 -28.42 1.03 -12.74
CA ARG B 107 -29.33 0.41 -11.72
C ARG B 107 -29.81 -0.96 -12.20
N GLN B 108 -29.74 -1.25 -13.50
CA GLN B 108 -30.19 -2.54 -14.09
C GLN B 108 -29.00 -3.36 -14.60
N ALA B 109 -27.77 -3.00 -14.23
CA ALA B 109 -26.56 -3.50 -14.91
C ALA B 109 -25.82 -4.56 -14.08
N ARG B 110 -26.19 -4.78 -12.82
CA ARG B 110 -25.58 -5.87 -12.01
C ARG B 110 -26.33 -7.16 -12.34
N THR B 111 -26.10 -7.68 -13.54
CA THR B 111 -26.85 -8.82 -14.12
C THR B 111 -26.16 -10.14 -13.77
N ALA B 112 -26.93 -11.23 -13.76
CA ALA B 112 -26.38 -12.58 -13.52
C ALA B 112 -25.39 -12.92 -14.65
N ALA B 113 -25.71 -12.58 -15.89
CA ALA B 113 -24.91 -12.96 -17.08
C ALA B 113 -23.55 -12.23 -17.03
N SER B 114 -23.48 -11.06 -16.39
CA SER B 114 -22.23 -10.24 -16.39
C SER B 114 -21.42 -10.45 -15.11
N ARG B 115 -21.91 -11.25 -14.15
CA ARG B 115 -21.23 -11.43 -12.85
C ARG B 115 -19.79 -11.90 -13.05
N ARG B 116 -19.57 -12.86 -13.97
CA ARG B 116 -18.23 -13.48 -14.18
C ARG B 116 -17.21 -12.39 -14.55
N TYR B 117 -17.62 -11.31 -15.21
CA TYR B 117 -16.70 -10.21 -15.62
C TYR B 117 -16.40 -9.29 -14.45
N GLY B 118 -17.37 -9.07 -13.55
CA GLY B 118 -17.10 -8.36 -12.27
C GLY B 118 -16.11 -9.14 -11.43
N PHE B 119 -16.29 -10.46 -11.29
CA PHE B 119 -15.33 -11.32 -10.54
C PHE B 119 -13.93 -11.20 -11.17
N LEU B 120 -13.84 -11.31 -12.49
CA LEU B 120 -12.51 -11.27 -13.16
C LEU B 120 -11.88 -9.89 -12.96
N LEU B 121 -12.65 -8.81 -13.10
CA LEU B 121 -12.10 -7.44 -12.87
C LEU B 121 -11.51 -7.34 -11.46
N VAL B 122 -12.20 -7.87 -10.44
CA VAL B 122 -11.73 -7.80 -9.03
C VAL B 122 -10.47 -8.65 -8.88
N LEU B 123 -10.40 -9.81 -9.52
CA LEU B 123 -9.20 -10.69 -9.46
C LEU B 123 -7.99 -9.94 -10.03
N TYR B 124 -8.11 -9.35 -11.22
CA TYR B 124 -6.99 -8.56 -11.82
C TYR B 124 -6.66 -7.39 -10.87
N ALA B 125 -7.69 -6.67 -10.39
CA ALA B 125 -7.51 -5.48 -9.55
C ALA B 125 -6.72 -5.84 -8.31
N SER B 126 -6.97 -7.04 -7.75
CA SER B 126 -6.44 -7.45 -6.44
C SER B 126 -4.95 -7.79 -6.54
N LEU B 127 -4.39 -7.90 -7.75
CA LEU B 127 -2.91 -7.97 -7.96
C LEU B 127 -2.29 -6.60 -7.70
N LEU B 128 -3.04 -5.50 -7.84
CA LEU B 128 -2.50 -4.12 -7.75
C LEU B 128 -2.74 -3.52 -6.37
N GLY B 129 -3.78 -3.97 -5.65
CA GLY B 129 -4.19 -3.35 -4.39
C GLY B 129 -5.54 -3.86 -3.95
N ASP B 130 -6.21 -3.10 -3.10
CA ASP B 130 -7.52 -3.52 -2.51
C ASP B 130 -8.63 -2.67 -3.13
N VAL B 131 -9.74 -3.31 -3.48
CA VAL B 131 -10.84 -2.62 -4.21
C VAL B 131 -11.69 -1.82 -3.21
N VAL B 132 -12.13 -0.64 -3.65
CA VAL B 132 -12.96 0.30 -2.85
C VAL B 132 -14.04 0.89 -3.75
N GLY B 133 -15.12 1.35 -3.13
CA GLY B 133 -16.16 2.15 -3.80
C GLY B 133 -16.47 3.40 -3.00
N TRP B 134 -17.51 4.12 -3.43
CA TRP B 134 -17.88 5.44 -2.89
C TRP B 134 -19.38 5.45 -2.58
N ALA B 135 -19.75 5.87 -1.37
CA ALA B 135 -21.17 5.85 -0.93
C ALA B 135 -22.02 6.66 -1.92
N THR B 136 -21.50 7.72 -2.51
CA THR B 136 -22.28 8.63 -3.40
C THR B 136 -22.28 8.17 -4.86
N GLN B 137 -21.62 7.06 -5.19
CA GLN B 137 -21.51 6.60 -6.60
C GLN B 137 -22.15 5.21 -6.76
N GLN B 138 -23.15 5.10 -7.63
CA GLN B 138 -23.85 3.84 -7.98
C GLN B 138 -24.11 3.02 -6.71
N ASP B 139 -24.74 3.66 -5.72
CA ASP B 139 -25.23 2.99 -4.49
C ASP B 139 -24.10 2.29 -3.73
N GLY B 140 -22.86 2.77 -3.86
CA GLY B 140 -21.72 2.28 -3.06
C GLY B 140 -21.20 0.94 -3.59
N ARG B 141 -21.61 0.54 -4.80
CA ARG B 141 -21.05 -0.68 -5.43
C ARG B 141 -19.54 -0.49 -5.64
N VAL B 142 -18.78 -1.55 -5.44
CA VAL B 142 -17.33 -1.55 -5.74
C VAL B 142 -17.18 -1.83 -7.24
N VAL B 143 -17.82 -2.88 -7.75
CA VAL B 143 -17.88 -3.12 -9.21
C VAL B 143 -19.04 -2.29 -9.78
N THR B 144 -18.70 -1.22 -10.49
CA THR B 144 -19.67 -0.29 -11.09
C THR B 144 -19.78 -0.52 -12.61
N ASP B 145 -20.70 0.18 -13.24
CA ASP B 145 -21.05 -0.04 -14.67
C ASP B 145 -20.96 1.29 -15.42
N VAL B 146 -20.26 1.27 -16.54
CA VAL B 146 -20.12 2.44 -17.44
C VAL B 146 -20.87 2.11 -18.72
N LEU B 147 -22.00 2.78 -18.93
CA LEU B 147 -22.83 2.59 -20.13
C LEU B 147 -23.64 3.86 -20.34
N PRO B 148 -24.01 4.15 -21.60
CA PRO B 148 -24.72 5.39 -21.90
C PRO B 148 -26.17 5.32 -21.42
N ILE B 149 -26.66 6.40 -20.81
CA ILE B 149 -28.07 6.47 -20.34
C ILE B 149 -28.82 7.53 -21.16
N GLU B 150 -29.94 7.11 -21.75
CA GLU B 150 -30.88 7.98 -22.51
C GLU B 150 -31.36 9.09 -21.57
N GLY B 151 -31.21 10.34 -22.00
CA GLY B 151 -31.57 11.54 -21.19
C GLY B 151 -30.40 12.10 -20.43
N GLN B 152 -29.22 11.46 -20.49
CA GLN B 152 -27.98 11.95 -19.86
C GLN B 152 -26.86 12.05 -20.91
N GLU B 153 -27.22 12.15 -22.20
CA GLU B 153 -26.28 12.30 -23.35
C GLU B 153 -25.36 13.51 -23.10
N ASP B 154 -25.96 14.61 -22.61
CA ASP B 154 -25.30 15.92 -22.35
C ASP B 154 -25.17 16.10 -20.83
N SER B 155 -24.59 15.10 -20.14
CA SER B 155 -24.25 15.14 -18.70
C SER B 155 -22.74 15.17 -18.53
N LEU B 156 -22.26 15.51 -17.32
CA LEU B 156 -20.83 15.62 -16.95
C LEU B 156 -20.36 14.32 -16.28
N VAL B 157 -21.11 13.23 -16.41
CA VAL B 157 -20.83 11.94 -15.69
C VAL B 157 -20.64 10.80 -16.70
N SER B 158 -20.18 9.64 -16.23
CA SER B 158 -19.69 8.50 -17.07
C SER B 158 -20.80 7.93 -17.98
N SER B 159 -22.06 8.28 -17.74
CA SER B 159 -23.23 7.79 -18.53
C SER B 159 -23.50 8.71 -19.72
N SER B 160 -22.68 9.76 -19.89
CA SER B 160 -22.72 10.67 -21.06
C SER B 160 -22.38 9.89 -22.34
N SER B 161 -22.60 10.54 -23.49
CA SER B 161 -22.27 10.03 -24.83
C SER B 161 -21.91 11.21 -25.74
N SER B 162 -22.90 12.03 -26.12
CA SER B 162 -22.79 13.16 -27.10
C SER B 162 -21.73 14.18 -26.65
N VAL B 163 -21.58 14.38 -25.34
CA VAL B 163 -20.67 15.41 -24.75
C VAL B 163 -19.49 14.69 -24.09
N GLU B 164 -18.29 15.22 -24.33
CA GLU B 164 -17.00 14.73 -23.79
C GLU B 164 -17.11 14.63 -22.27
N LEU B 165 -16.74 13.49 -21.69
CA LEU B 165 -16.46 13.40 -20.24
C LEU B 165 -15.14 14.13 -20.01
N GLY B 166 -15.22 15.32 -19.40
CA GLY B 166 -14.07 16.20 -19.12
C GLY B 166 -13.02 15.47 -18.31
N TRP B 167 -11.75 15.67 -18.62
CA TRP B 167 -10.64 14.91 -17.98
C TRP B 167 -10.44 15.36 -16.53
N HIS B 168 -10.08 14.42 -15.66
CA HIS B 168 -9.86 14.69 -14.22
C HIS B 168 -9.08 13.52 -13.62
N THR B 169 -8.31 13.79 -12.57
CA THR B 169 -7.96 12.77 -11.55
C THR B 169 -9.27 12.23 -10.94
N GLU B 170 -9.43 10.92 -10.81
CA GLU B 170 -10.64 10.32 -10.18
C GLU B 170 -10.72 10.81 -8.73
N ASP B 171 -11.87 11.36 -8.34
CA ASP B 171 -12.16 11.85 -6.96
C ASP B 171 -11.03 12.76 -6.48
N ALA B 172 -10.64 13.74 -7.29
CA ALA B 172 -9.42 14.57 -7.10
C ALA B 172 -9.46 15.29 -5.76
N PHE B 173 -10.64 15.71 -5.30
CA PHE B 173 -10.83 16.47 -4.03
C PHE B 173 -10.43 15.63 -2.81
N SER B 174 -10.49 14.29 -2.91
CA SER B 174 -10.47 13.38 -1.74
C SER B 174 -9.07 12.89 -1.42
N PRO B 175 -8.67 12.89 -0.13
CA PRO B 175 -7.43 12.24 0.29
C PRO B 175 -7.50 10.71 0.14
N TYR B 176 -8.71 10.16 -0.05
CA TYR B 176 -8.94 8.71 -0.17
C TYR B 176 -9.09 8.32 -1.64
N ARG B 177 -8.80 9.23 -2.57
CA ARG B 177 -8.91 8.95 -4.03
C ARG B 177 -8.09 7.70 -4.35
N ALA B 178 -8.56 6.93 -5.32
CA ALA B 178 -7.94 5.66 -5.75
C ALA B 178 -6.52 5.86 -6.26
N ASP B 179 -5.72 4.80 -6.16
CA ASP B 179 -4.40 4.69 -6.83
C ASP B 179 -4.58 4.18 -8.26
N TYR B 180 -5.54 3.29 -8.51
CA TYR B 180 -5.86 2.84 -9.88
C TYR B 180 -7.36 2.94 -10.15
N VAL B 181 -7.71 3.31 -11.37
CA VAL B 181 -9.08 3.10 -11.92
C VAL B 181 -9.00 1.94 -12.91
N GLY B 182 -9.78 0.89 -12.68
CA GLY B 182 -9.86 -0.29 -13.56
C GLY B 182 -11.11 -0.25 -14.40
N LEU B 183 -10.97 -0.69 -15.66
CA LEU B 183 -12.05 -0.69 -16.67
C LEU B 183 -11.96 -1.99 -17.44
N PHE B 184 -13.03 -2.80 -17.38
CA PHE B 184 -13.13 -4.08 -18.10
C PHE B 184 -14.18 -3.91 -19.19
N SER B 185 -13.74 -3.91 -20.45
CA SER B 185 -14.65 -3.71 -21.60
C SER B 185 -15.41 -5.02 -21.89
N LEU B 186 -16.73 -4.97 -21.80
CA LEU B 186 -17.62 -6.10 -22.18
C LEU B 186 -17.99 -6.00 -23.65
N ARG B 187 -18.21 -4.79 -24.13
CA ARG B 187 -18.45 -4.56 -25.58
C ARG B 187 -18.22 -3.08 -25.88
N ASN B 188 -17.75 -2.84 -27.09
CA ASN B 188 -17.32 -1.50 -27.52
C ASN B 188 -17.31 -1.53 -29.03
N PRO B 189 -18.48 -1.72 -29.67
CA PRO B 189 -18.53 -2.00 -31.10
C PRO B 189 -17.94 -0.86 -31.94
N ASP B 190 -18.05 0.39 -31.48
CA ASP B 190 -17.59 1.59 -32.23
C ASP B 190 -16.23 2.07 -31.70
N SER B 191 -15.52 1.26 -30.92
CA SER B 191 -14.12 1.54 -30.53
C SER B 191 -14.02 2.92 -29.88
N VAL B 192 -14.86 3.18 -28.89
CA VAL B 192 -14.88 4.47 -28.15
C VAL B 192 -13.75 4.45 -27.10
N ALA B 193 -13.05 5.56 -26.98
CA ALA B 193 -11.80 5.67 -26.18
C ALA B 193 -12.04 6.29 -24.83
N THR B 194 -11.25 5.87 -23.84
CA THR B 194 -10.93 6.66 -22.63
C THR B 194 -9.81 7.61 -23.03
N THR B 195 -9.91 8.88 -22.65
CA THR B 195 -8.81 9.86 -22.83
C THR B 195 -7.90 9.81 -21.61
N VAL B 196 -6.61 10.02 -21.82
CA VAL B 196 -5.57 9.91 -20.77
C VAL B 196 -4.55 11.01 -21.01
N ALA B 197 -4.08 11.68 -19.95
CA ALA B 197 -2.91 12.58 -20.03
C ALA B 197 -2.13 12.54 -18.72
N GLY B 198 -0.82 12.58 -18.85
CA GLY B 198 0.10 12.82 -17.71
C GLY B 198 0.89 14.08 -17.94
N LEU B 199 1.54 14.58 -16.89
CA LEU B 199 2.44 15.74 -16.99
C LEU B 199 3.81 15.28 -17.47
N ASP B 200 4.32 15.91 -18.53
CA ASP B 200 5.77 15.86 -18.89
C ASP B 200 6.42 17.12 -18.33
N PRO B 201 7.12 17.04 -17.17
CA PRO B 201 7.71 18.22 -16.54
C PRO B 201 8.78 18.91 -17.41
N ASP B 202 9.32 18.19 -18.40
CA ASP B 202 10.32 18.74 -19.36
C ASP B 202 9.62 19.62 -20.41
N LEU B 203 8.28 19.60 -20.50
CA LEU B 203 7.52 20.46 -21.45
C LEU B 203 6.97 21.70 -20.73
N VAL B 204 7.18 21.85 -19.42
CA VAL B 204 6.56 22.94 -18.61
C VAL B 204 7.67 23.76 -17.94
N GLY B 205 7.51 25.08 -17.87
CA GLY B 205 8.44 25.98 -17.16
C GLY B 205 8.65 25.50 -15.73
N PRO B 206 9.91 25.25 -15.29
CA PRO B 206 10.20 24.87 -13.90
C PRO B 206 9.53 25.74 -12.82
N ALA B 207 9.34 27.02 -13.09
CA ALA B 207 8.69 27.97 -12.15
C ALA B 207 7.21 27.62 -12.01
N VAL B 208 6.54 27.22 -13.10
CA VAL B 208 5.12 26.77 -13.08
C VAL B 208 5.08 25.47 -12.27
N VAL B 209 6.02 24.56 -12.50
CA VAL B 209 6.07 23.26 -11.75
C VAL B 209 6.21 23.58 -10.25
N ASP B 210 7.12 24.50 -9.90
CA ASP B 210 7.32 24.95 -8.50
C ASP B 210 5.99 25.41 -7.89
N VAL B 211 5.21 26.20 -8.63
CA VAL B 211 3.92 26.75 -8.13
C VAL B 211 2.95 25.58 -7.88
N LEU B 212 2.89 24.62 -8.81
CA LEU B 212 1.93 23.49 -8.74
C LEU B 212 2.23 22.59 -7.53
N PHE B 213 3.47 22.58 -7.04
CA PHE B 213 3.88 21.84 -5.81
C PHE B 213 3.46 22.58 -4.54
N GLY B 214 3.07 23.86 -4.64
CA GLY B 214 2.60 24.65 -3.48
C GLY B 214 1.15 24.33 -3.11
N GLU B 215 0.80 24.46 -1.83
CA GLU B 215 -0.60 24.25 -1.36
C GLU B 215 -1.38 25.54 -1.64
N ARG B 216 -1.70 25.79 -2.91
CA ARG B 216 -2.17 27.09 -3.42
C ARG B 216 -3.46 26.90 -4.23
N PHE B 217 -4.11 25.74 -4.11
CA PHE B 217 -5.27 25.36 -4.95
C PHE B 217 -6.41 24.82 -4.09
N HIS B 218 -7.63 24.93 -4.63
CA HIS B 218 -8.86 24.30 -4.11
C HIS B 218 -9.33 23.29 -5.15
N ILE B 219 -9.45 22.02 -4.76
CA ILE B 219 -10.11 20.98 -5.60
C ILE B 219 -11.42 20.61 -4.90
N ARG B 220 -12.54 20.93 -5.52
CA ARG B 220 -13.90 20.68 -4.95
C ARG B 220 -14.43 19.37 -5.52
N PRO B 221 -15.31 18.68 -4.76
CA PRO B 221 -15.97 17.50 -5.27
C PRO B 221 -16.99 17.88 -6.34
N ASP B 222 -17.16 17.06 -7.39
CA ASP B 222 -18.36 17.08 -8.26
C ASP B 222 -19.61 16.96 -7.37
N ASN B 223 -20.73 17.54 -7.83
CA ASN B 223 -22.06 17.47 -7.15
C ASN B 223 -22.44 16.01 -6.91
N SER B 224 -21.90 15.09 -7.72
CA SER B 224 -21.92 13.62 -7.48
C SER B 224 -21.82 13.34 -5.98
N HIS B 225 -20.68 13.70 -5.39
CA HIS B 225 -20.36 13.51 -3.95
C HIS B 225 -21.35 14.34 -3.12
N SER B 236 -23.50 13.45 10.28
CA SER B 236 -22.49 12.57 9.65
C SER B 236 -21.16 13.32 9.50
N ASP B 237 -20.09 12.83 10.14
CA ASP B 237 -18.76 13.48 10.21
C ASP B 237 -18.07 13.48 8.83
N TYR B 238 -18.25 12.42 8.04
CA TYR B 238 -17.69 12.31 6.67
C TYR B 238 -18.35 13.36 5.76
N PHE B 239 -19.69 13.41 5.74
CA PHE B 239 -20.51 14.30 4.88
C PHE B 239 -20.47 15.74 5.40
N ALA B 240 -20.17 15.93 6.69
CA ALA B 240 -19.80 17.24 7.30
C ALA B 240 -18.52 17.75 6.62
N GLY B 241 -17.59 16.84 6.31
CA GLY B 241 -16.34 17.10 5.58
C GLY B 241 -16.58 17.38 4.10
N ILE B 242 -17.65 16.83 3.51
CA ILE B 242 -18.02 16.96 2.07
C ILE B 242 -18.59 18.36 1.80
N VAL B 243 -19.36 18.91 2.75
CA VAL B 243 -19.93 20.29 2.64
C VAL B 243 -18.80 21.29 2.91
N GLU B 244 -17.94 20.99 3.89
CA GLU B 244 -16.73 21.81 4.23
C GLU B 244 -15.76 21.82 3.03
N ALA B 245 -15.80 20.78 2.17
CA ALA B 245 -14.92 20.62 0.99
C ALA B 245 -15.40 21.52 -0.16
N VAL B 246 -16.70 21.80 -0.22
CA VAL B 246 -17.32 22.70 -1.23
C VAL B 246 -17.23 24.15 -0.75
N GLU B 247 -17.47 24.39 0.56
CA GLU B 247 -17.64 25.73 1.16
C GLU B 247 -16.30 26.25 1.73
N ASN B 248 -15.57 25.41 2.47
CA ASN B 248 -14.24 25.75 3.03
C ASN B 248 -13.20 24.75 2.54
N PRO B 249 -12.95 24.67 1.22
CA PRO B 249 -12.00 23.69 0.67
C PRO B 249 -10.62 23.94 1.28
N ARG B 250 -9.90 22.86 1.63
CA ARG B 250 -8.51 22.99 2.12
C ARG B 250 -7.63 23.49 0.96
N ALA B 251 -6.59 24.24 1.30
CA ALA B 251 -5.49 24.63 0.39
C ALA B 251 -4.63 23.38 0.12
N VAL B 252 -4.63 22.88 -1.13
CA VAL B 252 -3.90 21.65 -1.52
C VAL B 252 -2.95 21.95 -2.68
N SER B 253 -1.95 21.09 -2.88
CA SER B 253 -1.05 21.11 -4.06
C SER B 253 -1.70 20.31 -5.20
N ILE B 254 -1.18 20.50 -6.41
CA ILE B 254 -1.57 19.70 -7.60
C ILE B 254 -0.48 18.63 -7.83
N LEU B 255 0.79 18.97 -7.63
CA LEU B 255 1.92 18.02 -7.71
C LEU B 255 2.44 17.72 -6.30
N ARG B 256 2.88 16.49 -6.08
CA ARG B 256 3.44 16.08 -4.77
C ARG B 256 4.43 14.94 -5.00
N GLY B 257 5.37 14.79 -4.07
CA GLY B 257 6.34 13.69 -4.08
C GLY B 257 7.66 14.10 -4.66
N HIS B 258 8.40 13.14 -5.21
CA HIS B 258 9.78 13.33 -5.73
C HIS B 258 9.70 14.14 -7.03
N ARG B 259 10.59 15.13 -7.19
CA ARG B 259 10.65 15.97 -8.42
C ARG B 259 10.83 15.10 -9.68
N ASP B 260 11.53 13.97 -9.57
CA ASP B 260 11.79 13.01 -10.68
C ASP B 260 10.55 12.17 -11.00
N ALA B 261 9.57 12.08 -10.10
CA ALA B 261 8.37 11.25 -10.34
C ALA B 261 7.18 11.83 -9.57
N PRO B 262 6.79 13.08 -9.86
CA PRO B 262 5.71 13.72 -9.10
C PRO B 262 4.34 13.10 -9.39
N GLN B 263 3.50 13.01 -8.36
CA GLN B 263 2.09 12.61 -8.53
C GLN B 263 1.30 13.83 -8.96
N LEU B 264 0.22 13.57 -9.68
CA LEU B 264 -0.67 14.60 -10.25
C LEU B 264 -2.06 14.45 -9.66
N CYS B 265 -2.67 15.56 -9.25
CA CYS B 265 -4.06 15.58 -8.75
C CYS B 265 -4.73 16.88 -9.19
N VAL B 266 -5.61 16.80 -10.19
CA VAL B 266 -6.25 18.01 -10.79
C VAL B 266 -7.59 17.59 -11.42
N ASP B 267 -8.56 18.50 -11.40
CA ASP B 267 -9.89 18.30 -12.04
C ASP B 267 -10.14 19.51 -12.94
N SER B 268 -10.26 19.31 -14.24
CA SER B 268 -10.32 20.38 -15.27
C SER B 268 -11.52 21.30 -15.01
N ASP B 269 -12.54 20.83 -14.31
CA ASP B 269 -13.82 21.55 -14.11
C ASP B 269 -13.95 22.06 -12.66
N PHE B 270 -13.19 21.52 -11.70
CA PHE B 270 -13.45 21.73 -10.25
C PHE B 270 -12.21 22.21 -9.49
N THR B 271 -11.19 22.73 -10.18
CA THR B 271 -9.92 23.21 -9.56
C THR B 271 -9.77 24.71 -9.79
N THR B 272 -9.48 25.45 -8.73
CA THR B 272 -9.20 26.91 -8.78
C THR B 272 -7.98 27.18 -7.93
N ALA B 273 -7.29 28.31 -8.17
CA ALA B 273 -6.26 28.85 -7.27
C ALA B 273 -6.95 29.40 -6.01
N VAL B 274 -6.21 29.42 -4.90
CA VAL B 274 -6.60 30.07 -3.62
C VAL B 274 -6.93 31.54 -3.92
N ASP B 275 -7.89 32.11 -3.18
CA ASP B 275 -8.35 33.51 -3.34
C ASP B 275 -7.13 34.43 -3.39
N GLY B 276 -7.03 35.25 -4.44
CA GLY B 276 -6.04 36.33 -4.56
C GLY B 276 -4.69 35.83 -5.07
N ASP B 277 -4.50 34.53 -5.24
CA ASP B 277 -3.23 33.94 -5.75
C ASP B 277 -3.27 33.90 -7.28
N ALA B 278 -2.98 35.04 -7.92
CA ALA B 278 -2.99 35.21 -9.40
C ALA B 278 -1.94 34.30 -10.05
N GLU B 279 -0.78 34.15 -9.40
CA GLU B 279 0.34 33.33 -9.93
C GLU B 279 -0.09 31.85 -9.97
N ALA B 280 -0.77 31.39 -8.93
CA ALA B 280 -1.30 30.00 -8.86
C ALA B 280 -2.35 29.83 -9.96
N ALA B 281 -3.23 30.82 -10.16
CA ALA B 281 -4.27 30.80 -11.21
C ALA B 281 -3.59 30.60 -12.57
N GLY B 282 -2.48 31.31 -12.80
CA GLY B 282 -1.67 31.23 -14.03
C GLY B 282 -1.10 29.83 -14.22
N ALA B 283 -0.51 29.25 -13.17
CA ALA B 283 0.16 27.94 -13.23
C ALA B 283 -0.88 26.86 -13.53
N LEU B 284 -2.04 26.95 -12.87
CA LEU B 284 -3.16 26.01 -13.05
C LEU B 284 -3.59 26.06 -14.53
N ASP B 285 -3.79 27.26 -15.07
CA ASP B 285 -4.29 27.35 -16.46
C ASP B 285 -3.21 26.87 -17.44
N THR B 286 -1.92 27.12 -17.17
CA THR B 286 -0.79 26.56 -17.95
C THR B 286 -0.88 25.03 -17.93
N LEU B 287 -1.07 24.44 -16.75
CA LEU B 287 -1.21 22.96 -16.63
C LEU B 287 -2.44 22.48 -17.41
N ILE B 288 -3.59 23.16 -17.29
CA ILE B 288 -4.85 22.70 -17.94
C ILE B 288 -4.64 22.69 -19.46
N LYS B 289 -4.00 23.73 -19.99
CA LYS B 289 -3.71 23.80 -21.45
C LYS B 289 -2.73 22.70 -21.84
N HIS B 290 -1.70 22.44 -21.03
CA HIS B 290 -0.69 21.37 -21.28
C HIS B 290 -1.36 19.99 -21.32
N LEU B 291 -2.17 19.67 -20.30
CA LEU B 291 -2.79 18.32 -20.22
C LEU B 291 -3.81 18.17 -21.36
N GLY B 292 -4.59 19.22 -21.62
CA GLY B 292 -5.54 19.27 -22.74
C GLY B 292 -4.86 18.92 -24.05
N GLY B 293 -3.65 19.46 -24.28
CA GLY B 293 -2.87 19.24 -25.52
C GLY B 293 -2.20 17.88 -25.55
N ALA B 294 -1.97 17.27 -24.39
CA ALA B 294 -1.23 16.00 -24.25
C ALA B 294 -2.17 14.80 -24.21
N LEU B 295 -3.50 15.00 -24.20
CA LEU B 295 -4.48 13.89 -24.10
C LEU B 295 -4.24 12.92 -25.26
N TYR B 296 -4.20 11.63 -24.95
CA TYR B 296 -4.22 10.55 -25.95
C TYR B 296 -5.34 9.61 -25.55
N GLU B 297 -5.52 8.52 -26.29
CA GLU B 297 -6.70 7.67 -26.13
C GLU B 297 -6.26 6.22 -25.91
N VAL B 298 -7.05 5.52 -25.12
CA VAL B 298 -6.94 4.04 -24.96
C VAL B 298 -8.32 3.47 -25.29
N VAL B 299 -8.37 2.59 -26.29
CA VAL B 299 -9.62 1.90 -26.70
C VAL B 299 -9.52 0.46 -26.19
N LEU B 300 -10.54 0.02 -25.46
CA LEU B 300 -10.64 -1.34 -24.92
C LEU B 300 -11.69 -2.08 -25.74
N GLY B 301 -11.25 -3.07 -26.51
CA GLY B 301 -12.15 -4.03 -27.16
C GLY B 301 -12.77 -4.96 -26.13
N PRO B 302 -13.78 -5.78 -26.51
CA PRO B 302 -14.36 -6.74 -25.58
C PRO B 302 -13.28 -7.68 -25.03
N GLY B 303 -13.21 -7.74 -23.69
CA GLY B 303 -12.27 -8.61 -22.94
C GLY B 303 -10.95 -7.89 -22.66
N ASP B 304 -10.83 -6.62 -23.03
CA ASP B 304 -9.63 -5.80 -22.71
C ASP B 304 -9.90 -5.10 -21.38
N VAL B 305 -8.93 -5.11 -20.49
CA VAL B 305 -9.03 -4.45 -19.16
C VAL B 305 -7.86 -3.46 -19.03
N ALA B 306 -8.15 -2.25 -18.56
CA ALA B 306 -7.12 -1.24 -18.30
C ALA B 306 -7.14 -0.89 -16.82
N PHE B 307 -5.95 -0.62 -16.26
CA PHE B 307 -5.78 0.03 -14.95
C PHE B 307 -5.01 1.33 -15.21
N LEU B 308 -5.69 2.45 -15.00
CA LEU B 308 -5.04 3.79 -15.09
C LEU B 308 -4.41 4.09 -13.74
N ASP B 309 -3.18 4.57 -13.75
CA ASP B 309 -2.49 4.97 -12.50
C ASP B 309 -2.98 6.38 -12.20
N ASN B 310 -3.94 6.46 -11.29
CA ASN B 310 -4.66 7.71 -10.93
C ASN B 310 -3.72 8.68 -10.20
N ARG B 311 -2.54 8.23 -9.77
CA ARG B 311 -1.50 9.11 -9.19
C ARG B 311 -0.77 9.88 -10.29
N ASN B 312 -0.82 9.38 -11.52
CA ASN B 312 0.01 9.88 -12.64
C ASN B 312 -0.83 10.53 -13.74
N VAL B 313 -2.06 10.08 -13.99
CA VAL B 313 -2.82 10.55 -15.18
C VAL B 313 -4.19 11.07 -14.77
N VAL B 314 -4.68 12.03 -15.55
CA VAL B 314 -6.11 12.39 -15.62
C VAL B 314 -6.73 11.52 -16.71
N HIS B 315 -8.04 11.34 -16.69
CA HIS B 315 -8.73 10.60 -17.76
C HIS B 315 -10.10 11.21 -17.99
N GLY B 316 -10.65 10.95 -19.17
CA GLY B 316 -12.00 11.33 -19.57
C GLY B 316 -12.50 10.40 -20.64
N ARG B 317 -13.41 10.90 -21.46
CA ARG B 317 -13.99 10.10 -22.56
C ARG B 317 -14.47 11.06 -23.64
N ARG B 318 -14.26 10.64 -24.89
CA ARG B 318 -14.63 11.37 -26.13
C ARG B 318 -16.14 11.36 -26.32
N PRO B 319 -16.74 12.37 -26.98
CA PRO B 319 -18.10 12.23 -27.50
C PRO B 319 -18.24 10.95 -28.33
N PHE B 320 -19.38 10.25 -28.21
CA PHE B 320 -19.73 9.09 -29.06
C PHE B 320 -21.26 9.04 -29.23
N ARG B 321 -21.70 8.15 -30.11
CA ARG B 321 -23.08 8.04 -30.63
C ARG B 321 -23.69 6.77 -30.03
N ALA B 322 -24.47 6.92 -28.97
CA ALA B 322 -25.23 5.81 -28.33
C ALA B 322 -26.53 5.59 -29.11
N ARG B 323 -26.90 4.33 -29.34
CA ARG B 323 -28.14 3.91 -30.04
C ARG B 323 -29.25 3.58 -29.05
N PHE B 324 -28.90 3.08 -27.87
CA PHE B 324 -29.84 2.72 -26.77
C PHE B 324 -30.76 1.60 -27.28
N ASP B 325 -30.17 0.60 -27.94
CA ASP B 325 -30.88 -0.56 -28.54
C ASP B 325 -30.37 -1.88 -27.93
N GLY B 326 -29.60 -1.82 -26.83
CA GLY B 326 -28.99 -2.99 -26.19
C GLY B 326 -27.65 -3.39 -26.79
N THR B 327 -27.11 -2.64 -27.74
CA THR B 327 -25.81 -2.94 -28.40
C THR B 327 -24.72 -1.96 -27.96
N ASP B 328 -25.00 -1.05 -27.02
CA ASP B 328 -24.06 0.06 -26.71
C ASP B 328 -22.84 -0.45 -25.93
N ARG B 329 -21.79 0.35 -25.97
CA ARG B 329 -20.57 0.21 -25.14
C ARG B 329 -20.94 -0.05 -23.67
N TRP B 330 -20.22 -0.97 -23.04
CA TRP B 330 -20.47 -1.36 -21.63
C TRP B 330 -19.14 -1.77 -20.99
N LEU B 331 -18.73 -1.08 -19.93
CA LEU B 331 -17.55 -1.49 -19.14
C LEU B 331 -17.95 -1.72 -17.70
N LYS B 332 -17.27 -2.66 -17.07
CA LYS B 332 -17.23 -2.74 -15.58
C LYS B 332 -16.08 -1.84 -15.12
N ARG B 333 -16.28 -1.16 -14.01
CA ARG B 333 -15.33 -0.16 -13.48
C ARG B 333 -15.06 -0.49 -12.02
N ILE B 334 -13.83 -0.20 -11.57
CA ILE B 334 -13.44 -0.43 -10.17
C ILE B 334 -12.39 0.61 -9.75
N ASN B 335 -12.36 0.92 -8.47
CA ASN B 335 -11.30 1.74 -7.82
C ASN B 335 -10.41 0.81 -7.01
N VAL B 336 -9.10 1.04 -7.06
CA VAL B 336 -8.11 0.24 -6.30
C VAL B 336 -7.25 1.19 -5.47
N THR B 337 -7.02 0.83 -4.20
CA THR B 337 -6.10 1.55 -3.31
C THR B 337 -4.92 0.65 -2.95
N ALA B 338 -3.71 1.23 -2.94
CA ALA B 338 -2.48 0.57 -2.46
C ALA B 338 -2.55 0.40 -0.93
N ASP B 339 -3.41 1.17 -0.24
CA ASP B 339 -3.39 1.27 1.24
C ASP B 339 -4.84 1.39 1.75
N LEU B 340 -5.52 0.27 1.90
CA LEU B 340 -6.93 0.24 2.38
C LEU B 340 -6.99 0.81 3.79
N ARG B 341 -5.99 0.49 4.62
CA ARG B 341 -6.04 0.82 6.06
C ARG B 341 -6.18 2.34 6.21
N LYS B 342 -5.54 3.14 5.34
CA LYS B 342 -5.45 4.61 5.52
C LYS B 342 -6.84 5.24 5.48
N SER B 343 -7.85 4.60 4.88
CA SER B 343 -9.21 5.18 4.72
C SER B 343 -10.18 4.67 5.81
N ARG B 344 -9.69 4.02 6.86
CA ARG B 344 -10.55 3.36 7.86
C ARG B 344 -11.51 4.39 8.50
N ALA B 345 -11.07 5.63 8.70
CA ALA B 345 -11.88 6.74 9.24
C ALA B 345 -13.14 6.97 8.39
N ALA B 346 -13.09 6.62 7.09
CA ALA B 346 -14.19 6.89 6.13
C ALA B 346 -14.94 5.62 5.75
N ARG B 347 -14.68 4.49 6.42
CA ARG B 347 -15.34 3.19 6.13
C ARG B 347 -16.09 2.70 7.38
N ARG B 348 -17.12 1.88 7.16
CA ARG B 348 -18.13 1.51 8.18
C ARG B 348 -17.49 0.59 9.22
N ASP B 349 -16.57 -0.27 8.79
CA ASP B 349 -15.90 -1.29 9.63
C ASP B 349 -14.67 -1.78 8.86
N ALA B 350 -13.90 -2.70 9.46
CA ALA B 350 -12.57 -3.11 8.95
C ALA B 350 -12.67 -3.57 7.49
N GLN B 351 -13.68 -4.40 7.20
CA GLN B 351 -13.80 -5.14 5.93
C GLN B 351 -14.60 -4.34 4.91
N ALA B 352 -15.45 -3.39 5.33
CA ALA B 352 -16.29 -2.59 4.43
C ALA B 352 -15.39 -1.77 3.49
N ARG B 353 -15.79 -1.67 2.22
CA ARG B 353 -14.96 -1.08 1.15
C ARG B 353 -15.58 0.22 0.63
N VAL B 354 -16.62 0.75 1.28
CA VAL B 354 -17.40 1.89 0.71
C VAL B 354 -17.00 3.18 1.42
N LEU B 355 -16.30 4.05 0.73
CA LEU B 355 -15.81 5.33 1.29
C LEU B 355 -17.00 6.28 1.51
N GLY B 356 -17.15 6.78 2.74
CA GLY B 356 -18.19 7.73 3.14
C GLY B 356 -19.44 7.03 3.65
N GLU B 357 -19.35 5.71 3.89
CA GLU B 357 -20.45 4.88 4.46
C GLU B 357 -20.49 5.08 5.99
N ALA B 358 -19.35 5.41 6.60
CA ALA B 358 -19.20 5.85 8.02
C ALA B 358 -17.73 5.74 8.44
#